data_2CXG
#
_entry.id   2CXG
#
_cell.length_a   120.887
_cell.length_b   111.903
_cell.length_c   65.748
_cell.angle_alpha   90.00
_cell.angle_beta   90.00
_cell.angle_gamma   90.00
#
_symmetry.space_group_name_H-M   'P 21 21 21'
#
loop_
_entity.id
_entity.type
_entity.pdbx_description
1 polymer 'CYCLODEXTRIN GLYCOSYLTRANSFERASE'
2 branched alpha-D-glucopyranose-(1-4)-alpha-D-glucopyranose
3 branched alpha-D-quinovopyranose-(1-4)-alpha-D-glucopyranose
4 branched alpha-D-glucopyranose-(1-4)-alpha-D-glucopyranose-(1-4)-alpha-D-glucopyranose-(1-4)-alpha-D-glucopyranose
5 non-polymer 6-AMINO-4-HYDROXYMETHYL-CYCLOHEX-4-ENE-1,2,3-TRIOL
6 non-polymer alpha-D-glucopyranose
7 non-polymer 'CALCIUM ION'
8 water water
#
_entity_poly.entity_id   1
_entity_poly.type   'polypeptide(L)'
_entity_poly.pdbx_seq_one_letter_code
;APDTSVSNKQNFSTDVIYQIFTDRFSDGNPANNPTGAAFDGTCTNLRLYCGGDWQGIINKINDGYLTGMGVTAIWISQPV
ENIYSIINYSGVNNTAYHGYWARDFKKTNPAYGTIADFQNLIAAAHAKNIKVIIDFAPNHTSPASSDQPSFAENGRLYDN
GTLLGGYTNDTQNLFHHNGGTDFSTTENGIYKNLYDLADLNHNNSTVDVYLKDAIKMWLDLGIDGIRMDAVKHMPFGWQK
SFMAAVNNYKPVFTFGEWFLGVNEVSPENHKFANESGMSLLDFRFAQKVRQVFRDNTDNMYGLKAMLEGSAADYAQVDDQ
VTFIDNHDMERFHASNANRRKLEQALAFTLTSRGVPAIYYGTEQYMSGGTDPDNRARIPSFSTSTTAYQVIQKLAPLRKC
NPAIAYGSTQERWINNDVLIYERKFGSNVAVVAVNRNLNAPASISGLVTSLPQGSYNDVLGGLLNGNTLSVGSGGAASNF
TLAAGGTAVWQYTAATATPTIGHVGPMMAKPGVTITIDGRGFGSSKGTVYFGTTAVSGADITSWEDTQIKVKIPAVAGGN
YNIKVANAAGTASNVYDNFEVLSGDQVSVRFVVNNATTALGQNVYLTGSVSELGNWDPAKAIGPMYNQVVYQYPNWYYDV
SVPAGKTIEFKFLKKQGSTVTWEGGSNHTFTAPSSGTATINVNWQP
;
_entity_poly.pdbx_strand_id   A
#
loop_
_chem_comp.id
_chem_comp.type
_chem_comp.name
_chem_comp.formula
ACI non-polymer 6-AMINO-4-HYDROXYMETHYL-CYCLOHEX-4-ENE-1,2,3-TRIOL 'C7 H13 N O4'
CA non-polymer 'CALCIUM ION' 'Ca 2'
G6D D-saccharide, alpha linking alpha-D-quinovopyranose 'C6 H12 O5'
GLC D-saccharide, alpha linking alpha-D-glucopyranose 'C6 H12 O6'
#
# COMPACT_ATOMS: atom_id res chain seq x y z
N ALA A 1 -22.88 -8.37 -1.67
CA ALA A 1 -22.14 -9.08 -0.65
C ALA A 1 -21.57 -8.13 0.38
N PRO A 2 -21.59 -8.56 1.63
CA PRO A 2 -21.09 -7.76 2.71
C PRO A 2 -19.71 -7.21 2.44
N ASP A 3 -19.39 -6.11 3.10
CA ASP A 3 -18.11 -5.46 2.96
C ASP A 3 -16.97 -6.38 3.38
N THR A 4 -17.31 -7.41 4.15
CA THR A 4 -16.35 -8.37 4.68
C THR A 4 -16.00 -9.51 3.74
N SER A 5 -16.85 -9.75 2.74
CA SER A 5 -16.66 -10.82 1.78
C SER A 5 -15.28 -10.80 1.13
N VAL A 6 -14.80 -12.00 0.80
CA VAL A 6 -13.51 -12.18 0.16
C VAL A 6 -13.47 -11.60 -1.24
N SER A 7 -14.64 -11.40 -1.82
CA SER A 7 -14.75 -10.86 -3.17
C SER A 7 -14.52 -9.36 -3.24
N ASN A 8 -14.44 -8.73 -2.07
CA ASN A 8 -14.23 -7.30 -2.01
C ASN A 8 -12.79 -6.90 -2.32
N LYS A 9 -12.45 -6.86 -3.62
CA LYS A 9 -11.10 -6.49 -4.05
C LYS A 9 -10.87 -5.00 -3.96
N GLN A 10 -11.78 -4.28 -3.30
CA GLN A 10 -11.65 -2.84 -3.20
C GLN A 10 -11.39 -2.38 -1.79
N ASN A 11 -11.55 -3.28 -0.82
CA ASN A 11 -11.37 -2.94 0.58
C ASN A 11 -10.56 -3.99 1.33
N PHE A 12 -9.52 -3.54 2.02
CA PHE A 12 -8.68 -4.45 2.78
C PHE A 12 -8.58 -4.07 4.24
N SER A 13 -9.35 -3.07 4.64
CA SER A 13 -9.35 -2.60 6.01
C SER A 13 -9.86 -3.62 7.02
N THR A 14 -10.63 -4.60 6.55
CA THR A 14 -11.18 -5.63 7.41
C THR A 14 -10.36 -6.90 7.38
N ASP A 15 -9.30 -6.89 6.55
CA ASP A 15 -8.44 -8.05 6.39
C ASP A 15 -7.14 -7.96 7.18
N VAL A 16 -6.46 -9.09 7.20
CA VAL A 16 -5.15 -9.23 7.81
C VAL A 16 -4.22 -9.90 6.82
N ILE A 17 -3.28 -9.10 6.30
CA ILE A 17 -2.33 -9.56 5.32
C ILE A 17 -1.21 -10.36 5.96
N TYR A 18 -0.81 -11.39 5.25
CA TYR A 18 0.27 -12.27 5.65
C TYR A 18 1.34 -12.24 4.56
N GLN A 19 2.43 -11.52 4.80
CA GLN A 19 3.46 -11.41 3.79
C GLN A 19 4.31 -12.66 3.72
N ILE A 20 4.30 -13.30 2.55
CA ILE A 20 5.04 -14.54 2.32
C ILE A 20 6.16 -14.41 1.30
N PHE A 21 7.34 -14.90 1.69
CA PHE A 21 8.47 -14.98 0.81
C PHE A 21 8.41 -16.39 0.26
N THR A 22 7.64 -16.54 -0.81
CA THR A 22 7.37 -17.79 -1.50
C THR A 22 8.44 -18.86 -1.38
N ASP A 23 9.66 -18.49 -1.70
CA ASP A 23 10.77 -19.42 -1.64
C ASP A 23 11.03 -20.00 -0.26
N ARG A 24 10.90 -19.15 0.76
CA ARG A 24 11.18 -19.55 2.13
C ARG A 24 9.97 -20.07 2.91
N PHE A 25 8.87 -20.31 2.22
CA PHE A 25 7.67 -20.79 2.90
C PHE A 25 7.56 -22.31 2.98
N SER A 26 7.17 -22.91 1.85
CA SER A 26 6.98 -24.34 1.76
C SER A 26 7.12 -24.90 0.36
N ASP A 27 7.90 -25.97 0.25
CA ASP A 27 8.15 -26.63 -1.01
C ASP A 27 7.13 -27.74 -1.24
N GLY A 28 6.03 -27.41 -1.90
CA GLY A 28 4.97 -28.37 -2.16
C GLY A 28 5.20 -29.19 -3.42
N ASN A 29 6.16 -28.76 -4.22
CA ASN A 29 6.49 -29.46 -5.45
C ASN A 29 7.98 -29.37 -5.74
N PRO A 30 8.68 -30.45 -5.46
CA PRO A 30 10.11 -30.46 -5.66
C PRO A 30 10.53 -30.62 -7.12
N ALA A 31 9.60 -31.03 -7.97
CA ALA A 31 9.89 -31.20 -9.37
C ALA A 31 10.23 -29.90 -10.07
N ASN A 32 9.87 -28.77 -9.44
CA ASN A 32 10.14 -27.46 -10.01
C ASN A 32 11.31 -26.78 -9.34
N ASN A 33 11.96 -27.50 -8.43
CA ASN A 33 13.11 -26.95 -7.74
C ASN A 33 14.25 -26.72 -8.70
N PRO A 34 14.91 -25.58 -8.58
CA PRO A 34 16.04 -25.32 -9.46
C PRO A 34 17.15 -26.31 -9.17
N THR A 35 18.21 -26.27 -9.97
CA THR A 35 19.31 -27.20 -9.79
C THR A 35 20.67 -26.55 -9.92
N GLY A 36 21.68 -27.25 -9.41
CA GLY A 36 23.05 -26.79 -9.48
C GLY A 36 23.42 -25.79 -8.40
N ALA A 37 24.25 -24.81 -8.80
CA ALA A 37 24.73 -23.78 -7.91
C ALA A 37 23.68 -22.72 -7.60
N ALA A 38 22.45 -22.99 -8.03
CA ALA A 38 21.36 -22.07 -7.78
C ALA A 38 20.42 -22.63 -6.74
N PHE A 39 20.59 -23.91 -6.45
CA PHE A 39 19.74 -24.58 -5.50
C PHE A 39 20.44 -25.01 -4.21
N ASP A 40 19.64 -25.06 -3.14
CA ASP A 40 20.08 -25.47 -1.81
C ASP A 40 18.88 -25.85 -0.95
N GLY A 41 18.55 -27.13 -0.97
CA GLY A 41 17.42 -27.69 -0.24
C GLY A 41 17.48 -27.55 1.27
N THR A 42 18.68 -27.31 1.80
CA THR A 42 18.84 -27.15 3.25
C THR A 42 18.50 -25.74 3.69
N CYS A 43 18.68 -24.80 2.78
CA CYS A 43 18.41 -23.41 3.06
C CYS A 43 19.34 -22.82 4.08
N THR A 44 20.63 -23.04 3.87
CA THR A 44 21.66 -22.49 4.74
C THR A 44 22.24 -21.27 4.05
N ASN A 45 22.31 -21.38 2.73
CA ASN A 45 22.77 -20.31 1.88
C ASN A 45 21.55 -19.51 1.47
N LEU A 46 21.23 -18.51 2.29
CA LEU A 46 20.06 -17.67 2.12
C LEU A 46 19.98 -16.88 0.81
N ARG A 47 21.04 -16.94 0.01
CA ARG A 47 21.04 -16.23 -1.26
C ARG A 47 20.74 -17.12 -2.46
N LEU A 48 20.41 -18.38 -2.17
CA LEU A 48 20.06 -19.36 -3.19
C LEU A 48 18.58 -19.67 -3.13
N TYR A 49 18.13 -20.56 -4.00
CA TYR A 49 16.74 -20.98 -3.99
C TYR A 49 16.58 -22.04 -2.93
N CYS A 50 15.47 -22.00 -2.21
CA CYS A 50 15.24 -22.96 -1.15
C CYS A 50 14.19 -24.00 -1.47
N GLY A 51 13.42 -23.75 -2.54
CA GLY A 51 12.39 -24.68 -2.98
C GLY A 51 10.97 -24.17 -2.84
N GLY A 52 10.75 -23.14 -2.02
CA GLY A 52 9.42 -22.57 -1.78
C GLY A 52 8.62 -22.36 -3.06
N ASP A 53 7.33 -22.71 -3.03
CA ASP A 53 6.50 -22.56 -4.22
C ASP A 53 5.03 -22.34 -3.92
N TRP A 54 4.27 -22.11 -5.00
CA TRP A 54 2.84 -21.88 -4.92
C TRP A 54 2.13 -23.11 -4.38
N GLN A 55 2.63 -24.28 -4.79
CA GLN A 55 2.07 -25.53 -4.33
C GLN A 55 2.13 -25.61 -2.82
N GLY A 56 3.27 -25.16 -2.28
CA GLY A 56 3.50 -25.14 -0.86
C GLY A 56 2.46 -24.26 -0.17
N ILE A 57 2.26 -23.07 -0.73
CA ILE A 57 1.28 -22.14 -0.18
C ILE A 57 -0.09 -22.80 -0.10
N ILE A 58 -0.48 -23.48 -1.17
CA ILE A 58 -1.76 -24.15 -1.23
C ILE A 58 -1.92 -25.13 -0.07
N ASN A 59 -0.90 -25.96 0.13
CA ASN A 59 -0.92 -26.94 1.19
C ASN A 59 -1.16 -26.31 2.55
N LYS A 60 -0.45 -25.22 2.81
CA LYS A 60 -0.58 -24.52 4.07
C LYS A 60 -1.96 -23.89 4.21
N ILE A 61 -2.50 -23.45 3.08
CA ILE A 61 -3.81 -22.87 3.07
C ILE A 61 -4.84 -23.98 3.27
N ASN A 62 -4.41 -25.21 3.00
CA ASN A 62 -5.29 -26.36 3.11
C ASN A 62 -5.24 -27.12 4.43
N ASP A 63 -4.11 -27.10 5.12
CA ASP A 63 -4.02 -27.80 6.40
C ASP A 63 -4.42 -26.93 7.58
N GLY A 64 -4.81 -25.71 7.28
CA GLY A 64 -5.29 -24.76 8.27
C GLY A 64 -4.25 -23.88 8.97
N TYR A 65 -3.01 -23.87 8.50
CA TYR A 65 -2.03 -23.04 9.18
C TYR A 65 -2.38 -21.56 9.16
N LEU A 66 -2.83 -21.08 8.01
CA LEU A 66 -3.19 -19.69 7.84
C LEU A 66 -4.57 -19.36 8.38
N THR A 67 -5.55 -20.14 7.96
CA THR A 67 -6.91 -19.94 8.42
C THR A 67 -7.03 -19.99 9.93
N GLY A 68 -6.23 -20.86 10.55
CA GLY A 68 -6.24 -21.00 11.99
C GLY A 68 -5.88 -19.71 12.70
N MET A 69 -5.00 -18.93 12.08
CA MET A 69 -4.54 -17.68 12.63
C MET A 69 -5.58 -16.58 12.54
N GLY A 70 -6.35 -16.62 11.48
CA GLY A 70 -7.36 -15.61 11.25
C GLY A 70 -6.97 -14.75 10.06
N VAL A 71 -5.88 -15.14 9.41
CA VAL A 71 -5.39 -14.46 8.23
C VAL A 71 -6.44 -14.53 7.12
N THR A 72 -6.60 -13.43 6.39
CA THR A 72 -7.60 -13.38 5.34
C THR A 72 -7.05 -12.82 4.05
N ALA A 73 -5.74 -12.68 3.99
CA ALA A 73 -5.08 -12.16 2.81
C ALA A 73 -3.61 -12.52 2.81
N ILE A 74 -3.09 -12.86 1.65
CA ILE A 74 -1.70 -13.19 1.53
C ILE A 74 -1.02 -12.41 0.43
N TRP A 75 0.12 -11.83 0.78
CA TRP A 75 0.90 -11.08 -0.18
C TRP A 75 2.10 -11.93 -0.52
N ILE A 76 2.17 -12.36 -1.79
CA ILE A 76 3.23 -13.21 -2.28
C ILE A 76 4.25 -12.47 -3.13
N SER A 77 5.45 -13.08 -3.27
CA SER A 77 6.54 -12.51 -4.05
C SER A 77 6.13 -12.34 -5.51
N GLN A 78 6.85 -11.47 -6.24
CA GLN A 78 6.55 -11.23 -7.64
C GLN A 78 6.46 -12.54 -8.41
N PRO A 79 5.31 -12.77 -9.04
CA PRO A 79 5.02 -14.01 -9.75
C PRO A 79 5.75 -14.19 -11.09
N VAL A 80 6.06 -13.08 -11.74
CA VAL A 80 6.69 -13.09 -13.05
C VAL A 80 8.06 -13.74 -13.14
N GLU A 81 8.46 -14.02 -14.39
CA GLU A 81 9.72 -14.65 -14.72
C GLU A 81 10.91 -13.76 -14.44
N ASN A 82 11.81 -14.26 -13.60
CA ASN A 82 13.02 -13.56 -13.24
C ASN A 82 14.21 -14.14 -13.98
N ILE A 83 15.35 -13.47 -13.88
CA ILE A 83 16.54 -13.94 -14.54
C ILE A 83 16.99 -15.29 -13.96
N TYR A 84 17.75 -16.03 -14.75
CA TYR A 84 18.22 -17.34 -14.33
C TYR A 84 19.68 -17.32 -13.88
N SER A 85 20.43 -16.38 -14.45
CA SER A 85 21.82 -16.24 -14.14
C SER A 85 22.10 -16.12 -12.66
N ILE A 86 23.14 -16.81 -12.21
CA ILE A 86 23.57 -16.76 -10.83
C ILE A 86 24.62 -15.67 -10.70
N ILE A 87 24.23 -14.51 -10.20
CA ILE A 87 25.16 -13.40 -10.06
C ILE A 87 26.16 -13.62 -8.94
N ASN A 88 27.33 -13.03 -9.11
CA ASN A 88 28.38 -13.14 -8.12
C ASN A 88 28.82 -11.80 -7.58
N TYR A 89 28.35 -11.45 -6.39
CA TYR A 89 28.72 -10.20 -5.78
C TYR A 89 29.84 -10.41 -4.76
N SER A 90 31.07 -10.32 -5.26
CA SER A 90 32.27 -10.49 -4.44
C SER A 90 32.38 -11.86 -3.78
N GLY A 91 32.56 -12.88 -4.63
CA GLY A 91 32.74 -14.25 -4.18
C GLY A 91 31.46 -14.91 -3.66
N VAL A 92 30.39 -14.13 -3.59
CA VAL A 92 29.12 -14.65 -3.12
C VAL A 92 28.08 -14.77 -4.21
N ASN A 93 27.52 -15.98 -4.32
CA ASN A 93 26.51 -16.30 -5.32
C ASN A 93 25.12 -15.86 -4.91
N ASN A 94 24.49 -15.08 -5.77
CA ASN A 94 23.14 -14.59 -5.52
C ASN A 94 22.20 -15.01 -6.62
N THR A 95 20.95 -15.29 -6.24
CA THR A 95 19.91 -15.70 -7.17
C THR A 95 18.67 -14.84 -7.00
N ALA A 96 17.77 -14.92 -7.97
CA ALA A 96 16.53 -14.15 -7.94
C ALA A 96 15.40 -14.80 -7.18
N TYR A 97 15.75 -15.49 -6.09
CA TYR A 97 14.78 -16.17 -5.26
C TYR A 97 13.75 -15.20 -4.70
N HIS A 98 14.16 -13.94 -4.54
CA HIS A 98 13.29 -12.90 -4.03
C HIS A 98 12.21 -12.50 -5.03
N GLY A 99 12.54 -12.60 -6.32
CA GLY A 99 11.60 -12.29 -7.39
C GLY A 99 11.59 -10.84 -7.89
N TYR A 100 12.51 -10.01 -7.36
CA TYR A 100 12.58 -8.60 -7.72
C TYR A 100 13.44 -8.29 -8.97
N TRP A 101 13.86 -9.34 -9.66
CA TRP A 101 14.69 -9.22 -10.86
C TRP A 101 13.94 -9.70 -12.10
N ALA A 102 12.93 -8.90 -12.49
CA ALA A 102 12.08 -9.20 -13.62
C ALA A 102 12.79 -9.38 -14.95
N ARG A 103 12.33 -10.38 -15.69
CA ARG A 103 12.86 -10.74 -16.99
C ARG A 103 11.77 -10.61 -18.05
N ASP A 104 10.60 -11.13 -17.69
CA ASP A 104 9.43 -11.12 -18.54
C ASP A 104 8.16 -11.04 -17.68
N PHE A 105 7.51 -9.89 -17.71
CA PHE A 105 6.30 -9.66 -16.92
C PHE A 105 5.07 -10.40 -17.42
N LYS A 106 5.20 -11.07 -18.55
CA LYS A 106 4.08 -11.80 -19.11
C LYS A 106 4.15 -13.30 -18.84
N LYS A 107 5.17 -13.70 -18.11
CA LYS A 107 5.38 -15.08 -17.75
C LYS A 107 5.68 -15.25 -16.27
N THR A 108 5.51 -16.48 -15.78
CA THR A 108 5.75 -16.80 -14.39
C THR A 108 7.14 -17.34 -14.13
N ASN A 109 7.50 -17.35 -12.84
CA ASN A 109 8.74 -17.90 -12.39
C ASN A 109 8.56 -19.39 -12.23
N PRO A 110 9.25 -20.15 -13.07
CA PRO A 110 9.14 -21.60 -13.07
C PRO A 110 9.33 -22.21 -11.69
N ALA A 111 10.20 -21.60 -10.89
CA ALA A 111 10.46 -22.09 -9.54
C ALA A 111 9.21 -22.04 -8.67
N TYR A 112 8.44 -20.96 -8.83
CA TYR A 112 7.20 -20.78 -8.08
C TYR A 112 6.10 -21.67 -8.60
N GLY A 113 5.98 -21.75 -9.92
CA GLY A 113 4.97 -22.59 -10.54
C GLY A 113 4.58 -22.15 -11.94
N THR A 114 3.62 -22.88 -12.51
CA THR A 114 3.10 -22.61 -13.83
C THR A 114 1.87 -21.75 -13.73
N ILE A 115 1.44 -21.23 -14.88
CA ILE A 115 0.24 -20.42 -14.91
C ILE A 115 -0.91 -21.20 -14.30
N ALA A 116 -0.95 -22.49 -14.62
CA ALA A 116 -1.96 -23.39 -14.09
C ALA A 116 -1.87 -23.47 -12.59
N ASP A 117 -0.64 -23.49 -12.08
CA ASP A 117 -0.42 -23.55 -10.66
C ASP A 117 -0.94 -22.29 -9.99
N PHE A 118 -0.66 -21.16 -10.62
CA PHE A 118 -1.09 -19.86 -10.13
C PHE A 118 -2.60 -19.76 -10.07
N GLN A 119 -3.25 -20.42 -11.04
CA GLN A 119 -4.70 -20.43 -11.13
C GLN A 119 -5.29 -21.26 -10.01
N ASN A 120 -4.54 -22.28 -9.61
CA ASN A 120 -4.94 -23.17 -8.54
C ASN A 120 -4.77 -22.47 -7.21
N LEU A 121 -3.76 -21.63 -7.13
CA LEU A 121 -3.48 -20.88 -5.93
C LEU A 121 -4.63 -19.92 -5.63
N ILE A 122 -5.10 -19.28 -6.68
CA ILE A 122 -6.18 -18.33 -6.59
C ILE A 122 -7.47 -18.96 -6.09
N ALA A 123 -7.79 -20.13 -6.67
CA ALA A 123 -9.01 -20.85 -6.31
C ALA A 123 -8.97 -21.40 -4.91
N ALA A 124 -7.84 -21.99 -4.54
CA ALA A 124 -7.68 -22.55 -3.21
C ALA A 124 -7.85 -21.47 -2.17
N ALA A 125 -7.17 -20.36 -2.41
CA ALA A 125 -7.24 -19.23 -1.51
C ALA A 125 -8.66 -18.69 -1.44
N HIS A 126 -9.20 -18.31 -2.60
CA HIS A 126 -10.55 -17.77 -2.66
C HIS A 126 -11.56 -18.66 -1.93
N ALA A 127 -11.46 -19.95 -2.18
CA ALA A 127 -12.33 -20.92 -1.57
C ALA A 127 -12.23 -20.90 -0.05
N LYS A 128 -11.09 -20.45 0.46
CA LYS A 128 -10.87 -20.39 1.89
C LYS A 128 -10.97 -18.98 2.44
N ASN A 129 -11.66 -18.12 1.70
CA ASN A 129 -11.87 -16.73 2.09
C ASN A 129 -10.58 -15.96 2.33
N ILE A 130 -9.58 -16.25 1.50
CA ILE A 130 -8.30 -15.60 1.58
C ILE A 130 -8.01 -14.85 0.30
N LYS A 131 -7.66 -13.57 0.42
CA LYS A 131 -7.37 -12.72 -0.73
C LYS A 131 -5.93 -12.81 -1.20
N VAL A 132 -5.72 -12.61 -2.49
CA VAL A 132 -4.38 -12.67 -3.03
C VAL A 132 -3.87 -11.35 -3.55
N ILE A 133 -2.71 -10.97 -3.04
CA ILE A 133 -2.02 -9.77 -3.43
C ILE A 133 -0.68 -10.17 -4.02
N ILE A 134 -0.24 -9.47 -5.04
CA ILE A 134 1.03 -9.81 -5.63
C ILE A 134 1.96 -8.63 -5.69
N ASP A 135 3.23 -8.90 -5.47
CA ASP A 135 4.22 -7.87 -5.56
C ASP A 135 4.46 -7.60 -7.04
N PHE A 136 4.67 -6.34 -7.38
CA PHE A 136 4.90 -5.93 -8.76
C PHE A 136 5.98 -4.87 -8.82
N ALA A 137 7.05 -5.14 -9.58
CA ALA A 137 8.17 -4.21 -9.70
C ALA A 137 8.38 -3.72 -11.13
N PRO A 138 7.66 -2.65 -11.48
CA PRO A 138 7.73 -2.06 -12.80
C PRO A 138 8.77 -0.97 -12.89
N ASN A 139 9.58 -0.83 -11.85
CA ASN A 139 10.59 0.20 -11.85
C ASN A 139 11.83 -0.19 -12.64
N HIS A 140 12.14 -1.49 -12.63
CA HIS A 140 13.32 -1.98 -13.29
C HIS A 140 13.16 -3.41 -13.74
N THR A 141 14.28 -3.96 -14.23
CA THR A 141 14.36 -5.33 -14.68
C THR A 141 15.28 -6.10 -13.75
N SER A 142 16.57 -6.07 -14.06
CA SER A 142 17.58 -6.76 -13.28
C SER A 142 18.90 -6.01 -13.25
N PRO A 143 19.83 -6.52 -12.45
CA PRO A 143 21.15 -5.92 -12.32
C PRO A 143 21.92 -5.99 -13.63
N ALA A 144 22.34 -4.83 -14.11
CA ALA A 144 23.06 -4.75 -15.36
C ALA A 144 24.28 -3.85 -15.29
N SER A 145 25.04 -3.90 -16.39
CA SER A 145 26.25 -3.13 -16.58
C SER A 145 26.46 -2.90 -18.07
N SER A 146 26.35 -1.64 -18.49
CA SER A 146 26.51 -1.31 -19.90
C SER A 146 27.86 -1.72 -20.47
N ASP A 147 28.88 -1.67 -19.63
CA ASP A 147 30.24 -2.02 -20.03
C ASP A 147 30.43 -3.51 -20.27
N GLN A 148 29.95 -4.32 -19.34
CA GLN A 148 30.07 -5.76 -19.44
C GLN A 148 28.74 -6.45 -19.69
N PRO A 149 28.33 -6.44 -20.96
CA PRO A 149 27.09 -7.04 -21.39
C PRO A 149 26.97 -8.51 -21.00
N SER A 150 28.07 -9.05 -20.49
CA SER A 150 28.12 -10.43 -20.07
C SER A 150 27.68 -10.60 -18.63
N PHE A 151 27.57 -9.47 -17.95
CA PHE A 151 27.14 -9.45 -16.56
C PHE A 151 25.67 -9.81 -16.43
N ALA A 152 25.40 -10.92 -15.76
CA ALA A 152 24.04 -11.38 -15.60
C ALA A 152 23.33 -11.49 -16.93
N GLU A 153 22.19 -10.82 -17.06
CA GLU A 153 21.44 -10.86 -18.30
C GLU A 153 21.31 -9.51 -18.96
N ASN A 154 22.28 -8.64 -18.70
CA ASN A 154 22.28 -7.31 -19.29
C ASN A 154 20.98 -6.57 -19.03
N GLY A 155 20.28 -7.01 -17.99
CA GLY A 155 18.99 -6.41 -17.62
C GLY A 155 17.93 -6.61 -18.68
N ARG A 156 18.18 -7.56 -19.57
CA ARG A 156 17.31 -7.89 -20.68
C ARG A 156 15.83 -8.00 -20.32
N LEU A 157 14.99 -7.42 -21.17
CA LEU A 157 13.54 -7.41 -21.00
C LEU A 157 12.83 -8.10 -22.15
N TYR A 158 11.99 -9.09 -21.81
CA TYR A 158 11.25 -9.84 -22.81
C TYR A 158 9.76 -9.57 -22.76
N ASP A 159 9.11 -9.81 -23.90
CA ASP A 159 7.66 -9.67 -24.02
C ASP A 159 7.06 -11.00 -24.42
N ASN A 160 7.00 -11.90 -23.44
CA ASN A 160 6.49 -13.23 -23.66
C ASN A 160 7.37 -14.03 -24.60
N GLY A 161 8.67 -14.04 -24.30
CA GLY A 161 9.64 -14.78 -25.09
C GLY A 161 10.35 -13.91 -26.13
N THR A 162 9.68 -12.87 -26.59
CA THR A 162 10.26 -11.98 -27.58
C THR A 162 11.14 -10.94 -26.91
N LEU A 163 12.40 -10.89 -27.32
CA LEU A 163 13.33 -9.93 -26.73
C LEU A 163 13.09 -8.52 -27.21
N LEU A 164 12.81 -7.63 -26.27
CA LEU A 164 12.59 -6.23 -26.58
C LEU A 164 13.91 -5.50 -26.71
N GLY A 165 14.74 -5.61 -25.67
CA GLY A 165 16.03 -4.96 -25.65
C GLY A 165 16.85 -5.27 -24.40
N GLY A 166 18.08 -4.77 -24.39
CA GLY A 166 19.00 -4.96 -23.28
C GLY A 166 19.59 -3.63 -22.82
N TYR A 167 20.33 -3.67 -21.73
CA TYR A 167 20.92 -2.46 -21.19
C TYR A 167 22.05 -1.91 -22.05
N THR A 168 22.84 -2.83 -22.63
CA THR A 168 23.93 -2.45 -23.49
C THR A 168 23.45 -2.24 -24.91
N ASN A 169 23.93 -1.17 -25.54
CA ASN A 169 23.50 -0.86 -26.89
C ASN A 169 22.00 -0.64 -26.92
N ASP A 170 21.55 0.17 -25.98
CA ASP A 170 20.15 0.49 -25.85
C ASP A 170 19.75 1.60 -26.82
N THR A 171 19.46 1.20 -28.05
CA THR A 171 19.07 2.13 -29.10
C THR A 171 17.63 2.61 -28.98
N GLN A 172 16.74 1.71 -28.58
CA GLN A 172 15.34 2.04 -28.41
C GLN A 172 15.16 3.00 -27.25
N ASN A 173 16.13 2.98 -26.34
CA ASN A 173 16.14 3.81 -25.16
C ASN A 173 15.09 3.40 -24.14
N LEU A 174 15.02 2.10 -23.88
CA LEU A 174 14.06 1.56 -22.95
C LEU A 174 14.42 1.86 -21.52
N PHE A 175 15.72 1.86 -21.24
CA PHE A 175 16.21 2.10 -19.89
C PHE A 175 16.83 3.48 -19.75
N HIS A 176 17.20 3.78 -18.52
CA HIS A 176 17.83 5.04 -18.20
C HIS A 176 19.32 4.87 -18.22
N HIS A 177 20.00 5.96 -18.57
CA HIS A 177 21.45 5.95 -18.62
C HIS A 177 22.01 7.18 -17.93
N ASN A 178 21.61 7.37 -16.68
CA ASN A 178 22.07 8.52 -15.93
C ASN A 178 22.88 8.16 -14.70
N GLY A 179 23.35 6.93 -14.63
CA GLY A 179 24.14 6.47 -13.50
C GLY A 179 23.27 5.88 -12.40
N GLY A 180 23.82 5.83 -11.19
CA GLY A 180 23.12 5.31 -10.03
C GLY A 180 22.78 6.41 -9.04
N THR A 181 21.71 6.20 -8.28
CA THR A 181 21.28 7.19 -7.31
C THR A 181 21.99 7.09 -5.97
N ASP A 182 22.10 8.22 -5.30
CA ASP A 182 22.71 8.29 -3.99
C ASP A 182 21.66 8.63 -2.96
N PHE A 183 20.40 8.59 -3.41
CA PHE A 183 19.25 8.89 -2.57
C PHE A 183 19.28 10.33 -2.07
N SER A 184 20.08 11.16 -2.74
CA SER A 184 20.23 12.55 -2.38
C SER A 184 18.94 13.35 -2.50
N THR A 185 18.19 13.12 -3.57
CA THR A 185 16.94 13.80 -3.78
C THR A 185 15.92 12.90 -4.47
N THR A 186 14.66 13.30 -4.39
CA THR A 186 13.59 12.54 -5.00
C THR A 186 13.80 12.36 -6.49
N GLU A 187 14.14 13.44 -7.16
CA GLU A 187 14.39 13.42 -8.58
C GLU A 187 15.59 12.57 -8.93
N ASN A 188 16.60 12.63 -8.03
CA ASN A 188 17.83 11.87 -8.21
C ASN A 188 17.59 10.38 -8.11
N GLY A 189 16.76 9.99 -7.14
CA GLY A 189 16.44 8.60 -6.92
C GLY A 189 15.38 8.08 -7.88
N ILE A 190 14.86 8.94 -8.74
CA ILE A 190 13.83 8.53 -9.69
C ILE A 190 14.35 8.31 -11.12
N TYR A 191 15.29 9.14 -11.56
CA TYR A 191 15.81 9.04 -12.91
C TYR A 191 17.16 8.35 -13.03
N LYS A 192 17.68 7.88 -11.91
CA LYS A 192 18.94 7.17 -11.90
C LYS A 192 18.70 5.73 -11.48
N ASN A 193 19.67 4.87 -11.71
CA ASN A 193 19.53 3.48 -11.36
C ASN A 193 19.46 3.22 -9.87
N LEU A 194 18.54 2.35 -9.49
CA LEU A 194 18.40 1.93 -8.11
C LEU A 194 19.36 0.79 -7.92
N TYR A 195 20.52 1.09 -7.35
CA TYR A 195 21.56 0.11 -7.19
C TYR A 195 22.16 -0.15 -8.57
N ASP A 196 22.13 -1.40 -8.98
CA ASP A 196 22.64 -1.76 -10.29
C ASP A 196 21.54 -2.33 -11.16
N LEU A 197 20.29 -2.07 -10.75
CA LEU A 197 19.14 -2.54 -11.48
C LEU A 197 18.84 -1.68 -12.70
N ALA A 198 18.62 -2.32 -13.83
CA ALA A 198 18.31 -1.63 -15.06
C ALA A 198 17.02 -0.82 -14.93
N ASP A 199 17.17 0.50 -14.78
CA ASP A 199 16.03 1.38 -14.62
C ASP A 199 15.22 1.52 -15.91
N LEU A 200 13.92 1.27 -15.79
CA LEU A 200 13.04 1.38 -16.93
C LEU A 200 12.62 2.81 -17.19
N ASN A 201 12.56 3.17 -18.46
CA ASN A 201 12.16 4.51 -18.86
C ASN A 201 10.69 4.52 -19.22
N HIS A 202 9.88 5.03 -18.30
CA HIS A 202 8.44 5.07 -18.51
C HIS A 202 7.99 6.07 -19.56
N ASN A 203 8.91 6.91 -19.99
CA ASN A 203 8.56 7.87 -21.01
C ASN A 203 8.55 7.26 -22.40
N ASN A 204 9.04 6.02 -22.52
CA ASN A 204 9.05 5.33 -23.79
C ASN A 204 7.74 4.55 -23.98
N SER A 205 6.99 4.91 -25.01
CA SER A 205 5.70 4.29 -25.32
C SER A 205 5.71 2.77 -25.26
N THR A 206 6.81 2.17 -25.70
CA THR A 206 6.93 0.73 -25.69
C THR A 206 6.88 0.16 -24.28
N VAL A 207 7.61 0.80 -23.37
CA VAL A 207 7.64 0.37 -21.98
C VAL A 207 6.32 0.66 -21.30
N ASP A 208 5.82 1.85 -21.57
CA ASP A 208 4.56 2.26 -21.00
C ASP A 208 3.47 1.26 -21.28
N VAL A 209 3.12 1.13 -22.57
CA VAL A 209 2.10 0.21 -23.02
C VAL A 209 2.32 -1.23 -22.56
N TYR A 210 3.57 -1.68 -22.64
CA TYR A 210 3.95 -3.03 -22.25
C TYR A 210 3.53 -3.36 -20.82
N LEU A 211 3.94 -2.51 -19.89
CA LEU A 211 3.62 -2.70 -18.48
C LEU A 211 2.13 -2.61 -18.24
N LYS A 212 1.44 -1.87 -19.12
CA LYS A 212 0.01 -1.70 -19.02
C LYS A 212 -0.69 -2.99 -19.44
N ASP A 213 -0.15 -3.62 -20.47
CA ASP A 213 -0.68 -4.87 -20.96
C ASP A 213 -0.43 -5.98 -19.96
N ALA A 214 0.80 -5.99 -19.43
CA ALA A 214 1.20 -6.98 -18.45
C ALA A 214 0.27 -7.05 -17.26
N ILE A 215 0.12 -5.93 -16.57
CA ILE A 215 -0.75 -5.89 -15.41
C ILE A 215 -2.17 -6.37 -15.66
N LYS A 216 -2.67 -6.13 -16.87
CA LYS A 216 -4.01 -6.60 -17.20
C LYS A 216 -4.08 -8.10 -17.10
N MET A 217 -3.04 -8.75 -17.63
CA MET A 217 -2.93 -10.19 -17.60
C MET A 217 -3.16 -10.72 -16.20
N TRP A 218 -2.38 -10.20 -15.26
CA TRP A 218 -2.51 -10.62 -13.88
C TRP A 218 -3.88 -10.33 -13.31
N LEU A 219 -4.41 -9.16 -13.70
CA LEU A 219 -5.72 -8.75 -13.27
C LEU A 219 -6.77 -9.76 -13.74
N ASP A 220 -6.58 -10.22 -14.97
CA ASP A 220 -7.46 -11.18 -15.58
C ASP A 220 -7.29 -12.55 -14.95
N LEU A 221 -6.16 -12.72 -14.26
CA LEU A 221 -5.87 -13.98 -13.61
C LEU A 221 -6.52 -14.10 -12.23
N GLY A 222 -7.25 -13.05 -11.84
CA GLY A 222 -7.99 -13.06 -10.60
C GLY A 222 -7.34 -12.50 -9.34
N ILE A 223 -6.26 -11.74 -9.47
CA ILE A 223 -5.64 -11.18 -8.28
C ILE A 223 -6.61 -10.27 -7.53
N ASP A 224 -6.33 -10.03 -6.24
CA ASP A 224 -7.20 -9.20 -5.42
C ASP A 224 -6.56 -7.88 -5.03
N GLY A 225 -5.24 -7.81 -5.17
CA GLY A 225 -4.53 -6.61 -4.80
C GLY A 225 -3.16 -6.55 -5.44
N ILE A 226 -2.57 -5.37 -5.40
CA ILE A 226 -1.26 -5.14 -5.96
C ILE A 226 -0.36 -4.38 -5.01
N ARG A 227 0.88 -4.83 -4.90
CA ARG A 227 1.83 -4.12 -4.09
C ARG A 227 2.91 -3.53 -4.97
N MET A 228 2.87 -2.21 -5.12
CA MET A 228 3.85 -1.53 -5.94
C MET A 228 5.18 -1.38 -5.24
N ASP A 229 6.20 -1.92 -5.87
CA ASP A 229 7.55 -1.87 -5.36
C ASP A 229 8.26 -0.59 -5.80
N ALA A 230 9.16 -0.10 -4.95
CA ALA A 230 9.96 1.10 -5.20
C ALA A 230 9.20 2.24 -5.87
N VAL A 231 8.08 2.63 -5.26
CA VAL A 231 7.25 3.69 -5.81
C VAL A 231 7.85 5.08 -5.77
N LYS A 232 8.84 5.29 -4.90
CA LYS A 232 9.45 6.60 -4.83
C LYS A 232 10.57 6.73 -5.84
N HIS A 233 10.77 5.66 -6.62
CA HIS A 233 11.78 5.59 -7.65
C HIS A 233 11.19 5.65 -9.06
N MET A 234 9.88 5.88 -9.10
CA MET A 234 9.14 5.98 -10.35
C MET A 234 8.41 7.30 -10.36
N PRO A 235 8.20 7.84 -11.55
CA PRO A 235 7.51 9.11 -11.70
C PRO A 235 6.06 9.04 -11.23
N PHE A 236 5.69 10.00 -10.40
CA PHE A 236 4.35 10.07 -9.86
C PHE A 236 3.27 10.16 -10.93
N GLY A 237 3.55 10.97 -11.95
CA GLY A 237 2.63 11.17 -13.06
C GLY A 237 2.36 9.85 -13.78
N TRP A 238 3.42 9.13 -14.10
CA TRP A 238 3.26 7.86 -14.77
C TRP A 238 2.41 6.93 -13.93
N GLN A 239 2.79 6.80 -12.65
CA GLN A 239 2.08 5.94 -11.73
C GLN A 239 0.59 6.25 -11.73
N LYS A 240 0.27 7.54 -11.76
CA LYS A 240 -1.12 7.95 -11.80
C LYS A 240 -1.80 7.39 -13.04
N SER A 241 -1.10 7.47 -14.16
CA SER A 241 -1.61 6.96 -15.42
C SER A 241 -1.74 5.46 -15.39
N PHE A 242 -0.86 4.84 -14.61
CA PHE A 242 -0.86 3.40 -14.46
C PHE A 242 -2.00 2.93 -13.58
N MET A 243 -2.31 3.73 -12.55
CA MET A 243 -3.39 3.40 -11.64
C MET A 243 -4.72 3.47 -12.32
N ALA A 244 -4.89 4.51 -13.14
CA ALA A 244 -6.10 4.70 -13.90
C ALA A 244 -6.29 3.54 -14.87
N ALA A 245 -5.17 3.02 -15.35
CA ALA A 245 -5.21 1.90 -16.24
C ALA A 245 -5.88 0.73 -15.52
N VAL A 246 -5.54 0.62 -14.24
CA VAL A 246 -6.09 -0.42 -13.40
C VAL A 246 -7.54 -0.16 -13.06
N ASN A 247 -7.80 0.99 -12.46
CA ASN A 247 -9.13 1.37 -12.05
C ASN A 247 -10.14 1.45 -13.18
N ASN A 248 -9.68 1.81 -14.36
CA ASN A 248 -10.57 1.93 -15.49
C ASN A 248 -10.86 0.60 -16.17
N TYR A 249 -10.21 -0.44 -15.66
CA TYR A 249 -10.36 -1.76 -16.21
C TYR A 249 -10.83 -2.77 -15.16
N LYS A 250 -9.99 -3.01 -14.17
CA LYS A 250 -10.34 -3.94 -13.10
C LYS A 250 -9.82 -3.42 -11.77
N PRO A 251 -10.61 -2.60 -11.10
CA PRO A 251 -10.17 -2.04 -9.84
C PRO A 251 -9.79 -3.08 -8.81
N VAL A 252 -8.67 -2.81 -8.13
CA VAL A 252 -8.15 -3.64 -7.05
C VAL A 252 -7.29 -2.83 -6.10
N PHE A 253 -7.45 -3.11 -4.81
CA PHE A 253 -6.70 -2.44 -3.77
C PHE A 253 -5.20 -2.45 -4.06
N THR A 254 -4.63 -1.26 -4.22
CA THR A 254 -3.21 -1.10 -4.52
C THR A 254 -2.50 -0.22 -3.51
N PHE A 255 -1.32 -0.68 -3.08
CA PHE A 255 -0.50 0.05 -2.13
C PHE A 255 0.95 -0.08 -2.53
N GLY A 256 1.66 1.04 -2.50
CA GLY A 256 3.06 1.05 -2.90
C GLY A 256 4.03 1.16 -1.75
N GLU A 257 5.29 0.89 -2.06
CA GLU A 257 6.36 0.94 -1.10
C GLU A 257 7.15 2.23 -1.19
N TRP A 258 6.99 3.06 -0.16
CA TRP A 258 7.70 4.32 -0.08
C TRP A 258 8.55 4.37 1.18
N PHE A 259 9.72 3.76 1.07
CA PHE A 259 10.66 3.66 2.15
C PHE A 259 10.87 4.95 2.93
N LEU A 260 10.73 4.84 4.23
CA LEU A 260 10.96 5.94 5.15
C LEU A 260 11.82 5.45 6.30
N GLY A 261 12.74 6.29 6.72
CA GLY A 261 13.62 5.90 7.81
C GLY A 261 13.13 6.43 9.14
N VAL A 262 13.91 6.13 10.18
CA VAL A 262 13.60 6.56 11.52
C VAL A 262 13.45 8.07 11.61
N ASN A 263 12.39 8.53 12.26
CA ASN A 263 12.15 9.95 12.41
C ASN A 263 12.00 10.69 11.10
N GLU A 264 11.72 9.96 10.02
CA GLU A 264 11.56 10.59 8.73
C GLU A 264 10.11 10.89 8.39
N VAL A 265 9.83 12.15 8.09
CA VAL A 265 8.48 12.56 7.73
C VAL A 265 8.50 13.38 6.46
N SER A 266 8.09 12.75 5.37
CA SER A 266 8.07 13.40 4.07
C SER A 266 6.69 13.86 3.64
N PRO A 267 6.64 15.10 3.14
CA PRO A 267 5.41 15.68 2.63
C PRO A 267 5.12 15.15 1.23
N GLU A 268 6.20 14.80 0.53
CA GLU A 268 6.12 14.25 -0.81
C GLU A 268 5.40 12.91 -0.77
N ASN A 269 5.60 12.23 0.35
CA ASN A 269 5.01 10.94 0.61
C ASN A 269 3.52 11.07 0.87
N HIS A 270 3.15 12.12 1.61
CA HIS A 270 1.75 12.38 1.93
C HIS A 270 0.95 12.69 0.69
N LYS A 271 1.47 13.60 -0.11
CA LYS A 271 0.83 14.01 -1.34
C LYS A 271 0.67 12.85 -2.31
N PHE A 272 1.66 11.95 -2.32
CA PHE A 272 1.59 10.79 -3.20
C PHE A 272 0.37 9.95 -2.85
N ALA A 273 0.29 9.56 -1.58
CA ALA A 273 -0.79 8.75 -1.07
C ALA A 273 -2.16 9.37 -1.29
N ASN A 274 -2.22 10.69 -1.28
CA ASN A 274 -3.46 11.40 -1.43
C ASN A 274 -3.91 11.67 -2.86
N GLU A 275 -2.96 11.72 -3.78
CA GLU A 275 -3.30 12.02 -5.16
C GLU A 275 -3.00 10.92 -6.16
N SER A 276 -1.95 10.16 -5.91
CA SER A 276 -1.52 9.09 -6.79
C SER A 276 -2.62 8.12 -7.18
N GLY A 277 -3.56 7.88 -6.28
CA GLY A 277 -4.64 6.95 -6.57
C GLY A 277 -4.40 5.61 -5.87
N MET A 278 -3.25 5.51 -5.21
CA MET A 278 -2.87 4.32 -4.47
C MET A 278 -2.45 4.71 -3.07
N SER A 279 -2.51 3.75 -2.15
CA SER A 279 -2.11 4.01 -0.77
C SER A 279 -0.68 3.56 -0.56
N LEU A 280 -0.18 3.64 0.67
CA LEU A 280 1.19 3.23 0.91
C LEU A 280 1.38 2.46 2.20
N LEU A 281 2.51 1.76 2.25
CA LEU A 281 2.91 1.02 3.41
C LEU A 281 3.29 2.02 4.48
N ASP A 282 2.72 1.87 5.66
CA ASP A 282 2.96 2.79 6.76
C ASP A 282 4.33 2.66 7.43
N PHE A 283 5.35 3.23 6.79
CA PHE A 283 6.71 3.19 7.32
C PHE A 283 6.80 4.08 8.54
N ARG A 284 6.00 5.14 8.50
CA ARG A 284 5.91 6.11 9.57
C ARG A 284 5.52 5.41 10.85
N PHE A 285 4.47 4.61 10.72
CA PHE A 285 3.91 3.82 11.78
C PHE A 285 4.90 2.79 12.27
N ALA A 286 5.44 2.03 11.32
CA ALA A 286 6.40 0.97 11.59
C ALA A 286 7.63 1.43 12.34
N GLN A 287 8.23 2.53 11.89
CA GLN A 287 9.42 3.04 12.52
C GLN A 287 9.19 3.48 13.95
N LYS A 288 8.09 4.21 14.15
CA LYS A 288 7.76 4.69 15.47
C LYS A 288 7.44 3.54 16.41
N VAL A 289 6.73 2.55 15.88
CA VAL A 289 6.35 1.39 16.66
C VAL A 289 7.57 0.64 17.15
N ARG A 290 8.64 0.75 16.38
CA ARG A 290 9.88 0.08 16.71
C ARG A 290 10.64 0.82 17.80
N GLN A 291 10.67 2.14 17.70
CA GLN A 291 11.36 2.92 18.69
C GLN A 291 10.70 2.74 20.03
N VAL A 292 9.38 2.69 20.01
CA VAL A 292 8.59 2.58 21.22
C VAL A 292 8.60 1.22 21.89
N PHE A 293 8.28 0.18 21.13
CA PHE A 293 8.22 -1.17 21.68
C PHE A 293 9.48 -1.97 21.52
N ARG A 294 10.28 -1.66 20.51
CA ARG A 294 11.48 -2.42 20.24
C ARG A 294 12.75 -1.87 20.85
N ASP A 295 13.26 -0.78 20.28
CA ASP A 295 14.51 -0.19 20.73
C ASP A 295 14.39 0.71 21.93
N ASN A 296 13.16 1.08 22.25
CA ASN A 296 12.90 1.96 23.35
C ASN A 296 13.68 3.28 23.26
N THR A 297 13.55 3.93 22.10
CA THR A 297 14.20 5.20 21.82
C THR A 297 13.20 6.34 21.70
N ASP A 298 11.97 6.04 22.14
CA ASP A 298 10.85 6.96 22.16
C ASP A 298 9.80 6.38 23.08
N ASN A 299 8.86 7.19 23.54
CA ASN A 299 7.84 6.70 24.44
C ASN A 299 6.44 6.88 23.89
N MET A 300 5.48 6.55 24.74
CA MET A 300 4.07 6.63 24.43
C MET A 300 3.66 7.96 23.84
N TYR A 301 4.23 9.05 24.33
CA TYR A 301 3.89 10.35 23.81
C TYR A 301 4.23 10.44 22.33
N GLY A 302 5.30 9.75 21.93
CA GLY A 302 5.74 9.72 20.55
C GLY A 302 4.80 8.88 19.70
N LEU A 303 4.21 7.86 20.33
CA LEU A 303 3.29 6.99 19.66
C LEU A 303 1.99 7.73 19.36
N LYS A 304 1.57 8.52 20.34
CA LYS A 304 0.37 9.31 20.23
C LYS A 304 0.49 10.37 19.16
N ALA A 305 1.66 10.99 19.11
CA ALA A 305 1.92 12.02 18.12
C ALA A 305 1.84 11.49 16.70
N MET A 306 2.38 10.29 16.52
CA MET A 306 2.38 9.65 15.22
C MET A 306 0.96 9.39 14.73
N LEU A 307 0.16 8.78 15.60
CA LEU A 307 -1.21 8.46 15.30
C LEU A 307 -1.99 9.69 14.87
N GLU A 308 -2.02 10.68 15.77
CA GLU A 308 -2.73 11.92 15.51
C GLU A 308 -2.25 12.60 14.24
N GLY A 309 -0.93 12.74 14.10
CA GLY A 309 -0.36 13.36 12.93
C GLY A 309 -0.78 12.69 11.64
N SER A 310 -0.53 11.39 11.56
CA SER A 310 -0.87 10.61 10.38
C SER A 310 -2.32 10.81 9.96
N ALA A 311 -3.21 10.74 10.95
CA ALA A 311 -4.63 10.92 10.72
C ALA A 311 -4.95 12.27 10.09
N ALA A 312 -4.03 13.21 10.24
CA ALA A 312 -4.21 14.54 9.68
C ALA A 312 -3.53 14.67 8.33
N ASP A 313 -2.44 13.92 8.16
CA ASP A 313 -1.67 13.98 6.95
C ASP A 313 -2.22 13.15 5.80
N TYR A 314 -2.70 11.96 6.10
CA TYR A 314 -3.28 11.13 5.07
C TYR A 314 -4.77 11.36 4.96
N ALA A 315 -5.24 11.59 3.74
CA ALA A 315 -6.65 11.80 3.53
C ALA A 315 -7.41 10.54 3.88
N GLN A 316 -6.77 9.40 3.64
CA GLN A 316 -7.35 8.10 3.93
C GLN A 316 -6.39 7.22 4.73
N VAL A 317 -6.24 7.57 6.00
CA VAL A 317 -5.34 6.84 6.89
C VAL A 317 -5.69 5.37 7.03
N ASP A 318 -6.96 5.04 6.83
CA ASP A 318 -7.43 3.68 6.96
C ASP A 318 -7.05 2.77 5.79
N ASP A 319 -6.44 3.37 4.78
CA ASP A 319 -6.01 2.61 3.62
C ASP A 319 -4.52 2.27 3.68
N GLN A 320 -3.83 2.87 4.65
CA GLN A 320 -2.41 2.64 4.83
C GLN A 320 -2.11 1.27 5.41
N VAL A 321 -1.14 0.59 4.81
CA VAL A 321 -0.76 -0.75 5.24
C VAL A 321 0.30 -0.75 6.34
N THR A 322 -0.14 -1.07 7.55
CA THR A 322 0.75 -1.08 8.69
C THR A 322 1.56 -2.36 8.85
N PHE A 323 2.71 -2.22 9.53
CA PHE A 323 3.63 -3.32 9.78
C PHE A 323 4.65 -2.97 10.85
N ILE A 324 5.38 -3.98 11.34
CA ILE A 324 6.39 -3.81 12.37
C ILE A 324 7.76 -4.23 11.90
N ASP A 325 7.78 -4.97 10.80
CA ASP A 325 9.01 -5.43 10.18
C ASP A 325 8.73 -5.98 8.79
N ASN A 326 9.79 -6.19 8.02
CA ASN A 326 9.66 -6.72 6.68
C ASN A 326 10.99 -7.27 6.16
N HIS A 327 10.94 -7.79 4.94
CA HIS A 327 12.09 -8.39 4.29
C HIS A 327 13.25 -7.44 4.08
N ASP A 328 13.02 -6.14 4.33
CA ASP A 328 14.08 -5.15 4.13
C ASP A 328 14.68 -4.60 5.42
N MET A 329 14.26 -5.12 6.56
CA MET A 329 14.80 -4.67 7.82
C MET A 329 14.99 -5.80 8.82
N GLU A 330 15.76 -5.52 9.87
CA GLU A 330 16.01 -6.53 10.89
C GLU A 330 14.71 -7.04 11.47
N ARG A 331 14.63 -8.34 11.70
CA ARG A 331 13.42 -8.88 12.27
C ARG A 331 13.14 -8.27 13.63
N PHE A 332 11.89 -7.86 13.83
CA PHE A 332 11.46 -7.21 15.05
C PHE A 332 11.90 -7.96 16.30
N HIS A 333 11.88 -9.28 16.25
CA HIS A 333 12.28 -10.05 17.41
C HIS A 333 13.76 -10.38 17.47
N ALA A 334 14.38 -9.96 18.58
CA ALA A 334 15.79 -10.22 18.85
C ALA A 334 15.96 -11.49 19.67
N SER A 335 16.95 -12.28 19.30
CA SER A 335 17.25 -13.55 19.93
C SER A 335 17.40 -13.52 21.44
N ASN A 336 17.63 -12.35 22.00
CA ASN A 336 17.80 -12.27 23.44
C ASN A 336 16.69 -11.51 24.13
N ALA A 337 15.92 -10.79 23.34
CA ALA A 337 14.85 -9.99 23.88
C ALA A 337 13.66 -10.80 24.38
N ASN A 338 12.82 -10.11 25.13
CA ASN A 338 11.62 -10.65 25.69
C ASN A 338 10.57 -10.74 24.59
N ARG A 339 9.91 -11.88 24.51
CA ARG A 339 8.91 -12.10 23.48
C ARG A 339 7.69 -11.19 23.62
N ARG A 340 7.46 -10.75 24.85
CA ARG A 340 6.32 -9.89 25.15
C ARG A 340 6.29 -8.60 24.35
N LYS A 341 7.45 -8.16 23.88
CA LYS A 341 7.52 -6.94 23.10
C LYS A 341 6.92 -7.16 21.73
N LEU A 342 7.23 -8.31 21.17
CA LEU A 342 6.75 -8.70 19.87
C LEU A 342 5.24 -8.91 19.89
N GLU A 343 4.74 -9.49 20.98
CA GLU A 343 3.32 -9.73 21.14
C GLU A 343 2.57 -8.43 21.29
N GLN A 344 3.16 -7.52 22.05
CA GLN A 344 2.56 -6.22 22.28
C GLN A 344 2.38 -5.47 20.98
N ALA A 345 3.48 -5.34 20.25
CA ALA A 345 3.46 -4.64 18.98
C ALA A 345 2.44 -5.25 18.03
N LEU A 346 2.32 -6.58 18.10
CA LEU A 346 1.37 -7.31 17.27
C LEU A 346 -0.04 -6.93 17.62
N ALA A 347 -0.33 -6.92 18.91
CA ALA A 347 -1.66 -6.55 19.36
C ALA A 347 -2.00 -5.13 18.92
N PHE A 348 -1.03 -4.24 19.16
CA PHE A 348 -1.16 -2.85 18.82
C PHE A 348 -1.46 -2.65 17.35
N THR A 349 -0.74 -3.37 16.51
CA THR A 349 -0.92 -3.27 15.08
C THR A 349 -2.27 -3.76 14.61
N LEU A 350 -2.67 -4.92 15.12
CA LEU A 350 -3.93 -5.53 14.75
C LEU A 350 -5.16 -4.71 15.11
N THR A 351 -5.07 -3.96 16.20
CA THR A 351 -6.18 -3.14 16.68
C THR A 351 -6.08 -1.68 16.26
N SER A 352 -5.12 -1.36 15.41
CA SER A 352 -4.96 0.01 14.98
C SER A 352 -5.52 0.26 13.59
N ARG A 353 -5.59 1.53 13.23
CA ARG A 353 -6.10 1.93 11.93
C ARG A 353 -5.15 1.51 10.82
N GLY A 354 -5.72 1.29 9.64
CA GLY A 354 -4.97 0.89 8.47
C GLY A 354 -5.27 -0.54 8.06
N VAL A 355 -4.25 -1.23 7.57
CA VAL A 355 -4.33 -2.62 7.14
C VAL A 355 -3.13 -3.40 7.66
N PRO A 356 -3.33 -4.18 8.70
CA PRO A 356 -2.25 -4.97 9.28
C PRO A 356 -1.67 -5.98 8.32
N ALA A 357 -0.35 -6.01 8.25
CA ALA A 357 0.38 -6.95 7.41
C ALA A 357 1.42 -7.67 8.26
N ILE A 358 1.47 -8.99 8.17
CA ILE A 358 2.41 -9.74 8.98
C ILE A 358 3.45 -10.51 8.18
N TYR A 359 4.71 -10.16 8.39
CA TYR A 359 5.81 -10.82 7.73
C TYR A 359 5.93 -12.24 8.25
N TYR A 360 5.86 -13.21 7.34
CA TYR A 360 5.92 -14.63 7.67
C TYR A 360 7.00 -14.95 8.69
N GLY A 361 6.67 -15.84 9.64
CA GLY A 361 7.63 -16.25 10.65
C GLY A 361 7.60 -15.44 11.93
N THR A 362 6.83 -14.36 11.94
CA THR A 362 6.71 -13.53 13.13
C THR A 362 6.07 -14.32 14.25
N GLU A 363 4.96 -14.95 13.91
CA GLU A 363 4.21 -15.77 14.84
C GLU A 363 5.07 -16.90 15.43
N GLN A 364 6.21 -17.16 14.81
CA GLN A 364 7.12 -18.22 15.28
C GLN A 364 8.33 -17.68 16.05
N TYR A 365 8.37 -16.36 16.24
CA TYR A 365 9.46 -15.70 16.95
C TYR A 365 10.77 -15.75 16.19
N MET A 366 10.70 -15.65 14.86
CA MET A 366 11.88 -15.66 14.03
C MET A 366 12.73 -14.42 14.21
N SER A 367 13.99 -14.64 14.59
CA SER A 367 14.93 -13.56 14.75
C SER A 367 15.86 -13.54 13.55
N GLY A 368 16.42 -12.39 13.25
CA GLY A 368 17.31 -12.30 12.12
C GLY A 368 17.68 -10.87 11.81
N GLY A 369 18.90 -10.69 11.30
CA GLY A 369 19.40 -9.38 10.94
C GLY A 369 18.89 -8.97 9.57
N THR A 370 19.61 -8.07 8.94
CA THR A 370 19.22 -7.61 7.62
C THR A 370 19.40 -8.69 6.57
N ASP A 371 19.02 -8.34 5.34
CA ASP A 371 19.13 -9.20 4.17
C ASP A 371 20.49 -9.89 4.16
N PRO A 372 20.49 -11.21 3.98
CA PRO A 372 19.29 -12.00 3.75
C PRO A 372 18.94 -12.80 4.98
N ASP A 373 19.41 -12.34 6.13
CA ASP A 373 19.18 -13.06 7.36
C ASP A 373 17.74 -12.99 7.87
N ASN A 374 17.00 -12.04 7.34
CA ASN A 374 15.61 -11.86 7.69
C ASN A 374 14.72 -12.70 6.79
N ARG A 375 15.35 -13.45 5.89
CA ARG A 375 14.62 -14.28 4.96
C ARG A 375 14.90 -15.75 5.13
N ALA A 376 14.91 -16.22 6.37
CA ALA A 376 15.15 -17.62 6.67
C ALA A 376 13.93 -18.47 6.39
N ARG A 377 14.08 -19.78 6.41
CA ARG A 377 12.95 -20.64 6.16
C ARG A 377 12.05 -20.77 7.39
N ILE A 378 10.74 -20.86 7.17
CA ILE A 378 9.82 -21.00 8.28
C ILE A 378 10.03 -22.34 8.99
N PRO A 379 10.63 -22.21 10.16
CA PRO A 379 11.06 -23.26 11.05
C PRO A 379 9.99 -24.22 11.55
N SER A 380 8.75 -23.78 11.55
CA SER A 380 7.72 -24.67 12.05
C SER A 380 6.34 -24.11 11.88
N PHE A 381 5.39 -25.04 11.83
CA PHE A 381 4.00 -24.71 11.67
C PHE A 381 3.24 -25.05 12.94
N SER A 382 3.67 -24.42 14.03
CA SER A 382 3.07 -24.61 15.33
C SER A 382 2.08 -23.51 15.66
N THR A 383 0.92 -23.94 16.14
CA THR A 383 -0.14 -23.05 16.53
C THR A 383 -0.14 -22.88 18.05
N SER A 384 0.86 -23.46 18.69
CA SER A 384 0.98 -23.43 20.14
C SER A 384 1.66 -22.20 20.69
N THR A 385 2.20 -21.37 19.81
CA THR A 385 2.88 -20.17 20.26
C THR A 385 1.93 -19.10 20.74
N THR A 386 2.44 -18.25 21.62
CA THR A 386 1.68 -17.15 22.16
C THR A 386 1.31 -16.12 21.08
N ALA A 387 2.27 -15.84 20.20
CA ALA A 387 2.07 -14.89 19.11
C ALA A 387 1.00 -15.37 18.15
N TYR A 388 1.04 -16.66 17.83
CA TYR A 388 0.07 -17.26 16.93
C TYR A 388 -1.33 -17.08 17.46
N GLN A 389 -1.46 -17.20 18.78
CA GLN A 389 -2.72 -17.07 19.47
C GLN A 389 -3.27 -15.65 19.46
N VAL A 390 -2.40 -14.69 19.73
CA VAL A 390 -2.79 -13.30 19.73
C VAL A 390 -3.45 -12.93 18.42
N ILE A 391 -2.77 -13.28 17.34
CA ILE A 391 -3.25 -13.02 16.01
C ILE A 391 -4.60 -13.68 15.80
N GLN A 392 -4.69 -14.89 16.32
CA GLN A 392 -5.87 -15.71 16.23
C GLN A 392 -7.07 -15.08 16.94
N LYS A 393 -6.83 -14.38 18.03
CA LYS A 393 -7.89 -13.76 18.80
C LYS A 393 -8.26 -12.37 18.29
N LEU A 394 -7.27 -11.62 17.87
CA LEU A 394 -7.50 -10.26 17.41
C LEU A 394 -7.84 -10.12 15.94
N ALA A 395 -7.25 -10.97 15.11
CA ALA A 395 -7.47 -10.92 13.67
C ALA A 395 -8.95 -10.83 13.30
N PRO A 396 -9.71 -11.79 13.75
CA PRO A 396 -11.13 -11.84 13.48
C PRO A 396 -11.88 -10.56 13.83
N LEU A 397 -11.36 -9.78 14.76
CA LEU A 397 -12.01 -8.54 15.18
C LEU A 397 -12.25 -7.58 14.03
N ARG A 398 -11.29 -7.52 13.11
CA ARG A 398 -11.39 -6.62 11.99
C ARG A 398 -12.60 -6.91 11.13
N LYS A 399 -13.18 -8.09 11.32
CA LYS A 399 -14.34 -8.50 10.56
C LYS A 399 -15.66 -8.28 11.30
N CYS A 400 -15.62 -8.49 12.61
CA CYS A 400 -16.81 -8.34 13.42
C CYS A 400 -16.92 -7.00 14.13
N ASN A 401 -15.89 -6.16 14.01
CA ASN A 401 -15.92 -4.86 14.67
C ASN A 401 -15.50 -3.73 13.75
N PRO A 402 -16.49 -3.10 13.10
CA PRO A 402 -16.22 -2.00 12.21
C PRO A 402 -15.41 -0.90 12.89
N ALA A 403 -15.44 -0.89 14.22
CA ALA A 403 -14.68 0.08 14.98
C ALA A 403 -13.19 -0.08 14.72
N ILE A 404 -12.76 -1.34 14.61
CA ILE A 404 -11.38 -1.67 14.33
C ILE A 404 -11.01 -1.35 12.90
N ALA A 405 -11.92 -1.72 12.00
CA ALA A 405 -11.71 -1.52 10.58
C ALA A 405 -11.70 -0.06 10.15
N TYR A 406 -12.84 0.62 10.31
CA TYR A 406 -12.98 2.00 9.90
C TYR A 406 -13.02 3.01 11.02
N GLY A 407 -12.86 2.56 12.24
CA GLY A 407 -12.95 3.46 13.39
C GLY A 407 -11.85 4.49 13.50
N SER A 408 -12.18 5.56 14.24
CA SER A 408 -11.28 6.64 14.53
C SER A 408 -10.41 6.26 15.72
N THR A 409 -9.44 7.09 16.02
CA THR A 409 -8.56 6.82 17.15
C THR A 409 -8.56 7.94 18.14
N GLN A 410 -8.49 7.58 19.41
CA GLN A 410 -8.49 8.59 20.44
C GLN A 410 -7.77 8.15 21.70
N GLU A 411 -6.81 8.96 22.11
CA GLU A 411 -6.08 8.70 23.32
C GLU A 411 -7.01 8.95 24.49
N ARG A 412 -7.11 8.00 25.41
CA ARG A 412 -7.98 8.17 26.54
C ARG A 412 -7.23 8.24 27.87
N TRP A 413 -5.99 7.78 27.82
CA TRP A 413 -5.10 7.74 28.97
C TRP A 413 -3.68 7.55 28.46
N ILE A 414 -2.73 8.33 28.97
CA ILE A 414 -1.39 8.18 28.47
C ILE A 414 -0.33 8.59 29.48
N ASN A 415 0.86 8.04 29.25
CA ASN A 415 2.02 8.33 30.04
C ASN A 415 3.22 7.70 29.35
N ASN A 416 4.42 7.96 29.85
CA ASN A 416 5.68 7.42 29.35
C ASN A 416 5.61 5.98 28.85
N ASP A 417 5.04 5.09 29.65
CA ASP A 417 4.97 3.67 29.29
C ASP A 417 3.59 3.10 28.98
N VAL A 418 2.54 3.85 29.26
CA VAL A 418 1.19 3.36 29.05
C VAL A 418 0.44 4.09 27.96
N LEU A 419 -0.40 3.32 27.26
CA LEU A 419 -1.20 3.88 26.22
C LEU A 419 -2.55 3.20 26.08
N ILE A 420 -3.60 3.99 26.26
CA ILE A 420 -4.97 3.51 26.14
C ILE A 420 -5.69 4.28 25.06
N TYR A 421 -6.18 3.57 24.06
CA TYR A 421 -6.87 4.21 22.97
C TYR A 421 -8.22 3.63 22.66
N GLU A 422 -9.03 4.45 22.04
CA GLU A 422 -10.39 4.11 21.70
C GLU A 422 -10.68 4.19 20.22
N ARG A 423 -11.06 3.05 19.66
CA ARG A 423 -11.47 2.97 18.28
C ARG A 423 -12.99 3.09 18.28
N LYS A 424 -13.54 3.90 17.39
CA LYS A 424 -14.98 4.08 17.39
C LYS A 424 -15.59 4.34 16.02
N PHE A 425 -16.58 3.52 15.66
CA PHE A 425 -17.30 3.65 14.39
C PHE A 425 -18.76 3.24 14.56
N GLY A 426 -19.66 4.23 14.49
CA GLY A 426 -21.08 3.97 14.64
C GLY A 426 -21.40 3.49 16.04
N SER A 427 -22.17 2.41 16.12
CA SER A 427 -22.54 1.83 17.40
C SER A 427 -21.54 0.78 17.84
N ASN A 428 -20.30 0.95 17.38
CA ASN A 428 -19.24 0.02 17.68
C ASN A 428 -18.08 0.70 18.36
N VAL A 429 -17.54 0.04 19.38
CA VAL A 429 -16.44 0.57 20.15
C VAL A 429 -15.43 -0.48 20.57
N ALA A 430 -14.18 -0.05 20.61
CA ALA A 430 -13.08 -0.89 21.02
C ALA A 430 -12.06 -0.05 21.78
N VAL A 431 -11.71 -0.53 22.96
CA VAL A 431 -10.76 0.15 23.79
C VAL A 431 -9.58 -0.76 24.06
N VAL A 432 -8.38 -0.28 23.75
CA VAL A 432 -7.19 -1.07 23.96
C VAL A 432 -6.22 -0.41 24.93
N ALA A 433 -5.60 -1.24 25.76
CA ALA A 433 -4.65 -0.75 26.74
C ALA A 433 -3.33 -1.47 26.62
N VAL A 434 -2.24 -0.70 26.63
CA VAL A 434 -0.91 -1.28 26.54
C VAL A 434 0.06 -0.65 27.53
N ASN A 435 0.81 -1.51 28.21
CA ASN A 435 1.82 -1.09 29.15
C ASN A 435 3.17 -1.68 28.79
N ARG A 436 3.93 -0.95 27.99
CA ARG A 436 5.24 -1.43 27.56
C ARG A 436 6.13 -1.85 28.72
N ASN A 437 6.05 -1.07 29.81
CA ASN A 437 6.85 -1.32 31.00
C ASN A 437 6.69 -2.73 31.56
N LEU A 438 7.71 -3.52 31.21
CA LEU A 438 7.88 -4.93 31.53
C LEU A 438 8.24 -5.20 32.97
N ASN A 439 8.49 -4.15 33.74
CA ASN A 439 8.89 -4.33 35.12
C ASN A 439 8.08 -3.52 36.12
N ALA A 440 7.15 -2.71 35.61
CA ALA A 440 6.33 -1.91 36.49
C ALA A 440 4.88 -1.88 36.07
N PRO A 441 4.01 -2.05 37.05
CA PRO A 441 2.59 -2.00 36.80
C PRO A 441 2.14 -0.55 36.87
N ALA A 442 0.98 -0.28 36.30
CA ALA A 442 0.48 1.07 36.31
C ALA A 442 -0.92 1.15 36.87
N SER A 443 -1.13 2.17 37.69
CA SER A 443 -2.42 2.39 38.28
C SER A 443 -3.23 3.31 37.38
N ILE A 444 -4.32 2.78 36.84
CA ILE A 444 -5.13 3.56 35.96
C ILE A 444 -6.41 4.07 36.58
N SER A 445 -6.43 5.38 36.79
CA SER A 445 -7.57 6.06 37.34
C SER A 445 -7.91 7.23 36.44
N GLY A 446 -9.19 7.54 36.34
CA GLY A 446 -9.65 8.64 35.51
C GLY A 446 -9.98 8.24 34.07
N LEU A 447 -9.93 6.94 33.80
CA LEU A 447 -10.22 6.43 32.47
C LEU A 447 -11.69 6.62 32.08
N VAL A 448 -11.88 7.25 30.94
CA VAL A 448 -13.22 7.52 30.42
C VAL A 448 -13.36 6.96 29.02
N THR A 449 -14.42 6.20 28.81
CA THR A 449 -14.63 5.59 27.52
C THR A 449 -16.02 5.86 26.97
N SER A 450 -16.27 5.28 25.80
CA SER A 450 -17.54 5.38 25.13
C SER A 450 -18.25 4.06 25.27
N LEU A 451 -17.70 3.23 26.15
CA LEU A 451 -18.24 1.92 26.42
C LEU A 451 -19.51 2.01 27.25
N PRO A 452 -20.53 1.25 26.86
CA PRO A 452 -21.76 1.24 27.61
C PRO A 452 -21.54 0.72 29.02
N GLN A 453 -22.43 1.13 29.91
CA GLN A 453 -22.35 0.71 31.30
C GLN A 453 -22.32 -0.80 31.42
N GLY A 454 -21.40 -1.31 32.24
CA GLY A 454 -21.28 -2.74 32.45
C GLY A 454 -19.85 -3.23 32.58
N SER A 455 -19.72 -4.56 32.69
CA SER A 455 -18.43 -5.19 32.81
C SER A 455 -17.97 -5.75 31.48
N TYR A 456 -16.68 -5.64 31.22
CA TYR A 456 -16.10 -6.10 29.98
C TYR A 456 -14.92 -7.05 30.19
N ASN A 457 -15.00 -8.20 29.52
CA ASN A 457 -13.97 -9.21 29.60
C ASN A 457 -12.91 -9.03 28.52
N ASP A 458 -11.66 -9.17 28.93
CA ASP A 458 -10.53 -9.04 28.03
C ASP A 458 -10.65 -9.98 26.83
N VAL A 459 -10.75 -9.40 25.64
CA VAL A 459 -10.87 -10.19 24.41
C VAL A 459 -9.73 -11.19 24.27
N LEU A 460 -8.58 -10.84 24.84
CA LEU A 460 -7.39 -11.67 24.80
C LEU A 460 -7.43 -12.77 25.84
N GLY A 461 -8.48 -12.79 26.64
CA GLY A 461 -8.64 -13.80 27.68
C GLY A 461 -7.48 -13.83 28.67
N GLY A 462 -6.91 -12.67 28.96
CA GLY A 462 -5.82 -12.56 29.91
C GLY A 462 -4.52 -13.17 29.40
N LEU A 463 -4.49 -13.49 28.11
CA LEU A 463 -3.31 -14.08 27.51
C LEU A 463 -2.09 -13.18 27.73
N LEU A 464 -2.32 -11.87 27.63
CA LEU A 464 -1.27 -10.88 27.82
C LEU A 464 -1.42 -10.10 29.10
N ASN A 465 -1.88 -10.79 30.14
CA ASN A 465 -2.06 -10.19 31.45
C ASN A 465 -3.09 -9.08 31.46
N GLY A 466 -4.03 -9.14 30.53
CA GLY A 466 -5.08 -8.15 30.48
C GLY A 466 -6.02 -8.40 31.64
N ASN A 467 -7.06 -7.59 31.77
CA ASN A 467 -7.99 -7.78 32.87
C ASN A 467 -9.39 -7.38 32.50
N THR A 468 -10.27 -7.49 33.49
CA THR A 468 -11.66 -7.13 33.33
C THR A 468 -11.84 -5.65 33.60
N LEU A 469 -12.74 -5.03 32.84
CA LEU A 469 -12.99 -3.60 32.98
C LEU A 469 -14.40 -3.30 33.45
N SER A 470 -14.51 -2.43 34.45
CA SER A 470 -15.79 -2.03 35.02
C SER A 470 -16.10 -0.60 34.67
N VAL A 471 -17.09 -0.42 33.79
CA VAL A 471 -17.50 0.89 33.33
C VAL A 471 -18.83 1.32 33.91
N GLY A 472 -18.78 2.34 34.76
CA GLY A 472 -19.98 2.87 35.36
C GLY A 472 -20.67 3.80 34.39
N SER A 473 -21.38 4.77 34.93
CA SER A 473 -22.08 5.73 34.10
C SER A 473 -21.13 6.76 33.51
N GLY A 474 -21.50 7.28 32.34
CA GLY A 474 -20.71 8.28 31.65
C GLY A 474 -19.44 7.73 31.03
N GLY A 475 -19.35 6.41 30.95
CA GLY A 475 -18.19 5.77 30.36
C GLY A 475 -17.03 5.73 31.34
N ALA A 476 -17.22 6.37 32.48
CA ALA A 476 -16.19 6.39 33.52
C ALA A 476 -15.86 5.00 34.00
N ALA A 477 -14.60 4.63 33.85
CA ALA A 477 -14.15 3.31 34.28
C ALA A 477 -13.63 3.30 35.71
N SER A 478 -13.89 2.20 36.40
CA SER A 478 -13.43 2.04 37.76
C SER A 478 -11.92 1.87 37.80
N ASN A 479 -11.30 2.31 38.88
CA ASN A 479 -9.87 2.21 39.02
C ASN A 479 -9.39 0.77 38.92
N PHE A 480 -8.29 0.59 38.20
CA PHE A 480 -7.72 -0.72 38.05
C PHE A 480 -6.21 -0.70 37.96
N THR A 481 -5.61 -1.88 37.97
CA THR A 481 -4.19 -2.02 37.88
C THR A 481 -3.81 -2.67 36.56
N LEU A 482 -2.92 -2.02 35.83
CA LEU A 482 -2.44 -2.52 34.56
C LEU A 482 -1.06 -3.17 34.73
N ALA A 483 -1.08 -4.49 34.85
CA ALA A 483 0.10 -5.29 35.04
C ALA A 483 1.26 -4.97 34.10
N ALA A 484 2.46 -5.32 34.56
CA ALA A 484 3.68 -5.13 33.78
C ALA A 484 3.60 -5.91 32.49
N GLY A 485 3.77 -5.22 31.37
CA GLY A 485 3.70 -5.87 30.08
C GLY A 485 2.27 -6.28 29.73
N GLY A 486 1.31 -5.71 30.47
CA GLY A 486 -0.09 -6.00 30.26
C GLY A 486 -0.65 -5.41 28.97
N THR A 487 -1.63 -6.12 28.41
CA THR A 487 -2.28 -5.72 27.18
C THR A 487 -3.72 -6.23 27.17
N ALA A 488 -4.70 -5.31 27.20
CA ALA A 488 -6.09 -5.69 27.21
C ALA A 488 -6.92 -5.10 26.07
N VAL A 489 -7.90 -5.88 25.62
CA VAL A 489 -8.78 -5.46 24.55
C VAL A 489 -10.24 -5.66 24.91
N TRP A 490 -10.93 -4.55 25.18
CA TRP A 490 -12.35 -4.58 25.51
C TRP A 490 -13.14 -4.04 24.34
N GLN A 491 -14.38 -4.48 24.17
CA GLN A 491 -15.15 -4.00 23.04
C GLN A 491 -16.65 -4.06 23.22
N TYR A 492 -17.35 -3.37 22.33
CA TYR A 492 -18.80 -3.33 22.32
C TYR A 492 -19.32 -3.08 20.91
N THR A 493 -20.18 -3.98 20.46
CA THR A 493 -20.75 -3.87 19.13
C THR A 493 -22.27 -3.84 19.16
N ALA A 494 -22.84 -3.12 18.20
CA ALA A 494 -24.27 -3.00 18.08
C ALA A 494 -24.67 -2.57 16.68
N ALA A 495 -25.92 -2.84 16.33
CA ALA A 495 -26.43 -2.50 15.02
C ALA A 495 -26.55 -1.00 14.82
N THR A 496 -26.02 -0.54 13.69
CA THR A 496 -26.08 0.86 13.31
C THR A 496 -27.29 1.10 12.43
N ALA A 497 -28.06 2.12 12.79
CA ALA A 497 -29.26 2.47 12.06
C ALA A 497 -29.05 3.56 11.03
N THR A 498 -28.15 4.48 11.34
CA THR A 498 -27.85 5.57 10.45
C THR A 498 -26.82 5.16 9.40
N PRO A 499 -27.01 5.59 8.16
CA PRO A 499 -26.08 5.28 7.09
C PRO A 499 -24.73 5.91 7.38
N THR A 500 -23.72 5.06 7.54
CA THR A 500 -22.40 5.52 7.84
C THR A 500 -21.39 4.98 6.87
N ILE A 501 -20.77 5.86 6.09
CA ILE A 501 -19.76 5.45 5.13
C ILE A 501 -18.41 5.28 5.81
N GLY A 502 -17.80 4.11 5.63
CA GLY A 502 -16.51 3.85 6.25
C GLY A 502 -15.39 3.70 5.25
N HIS A 503 -15.77 3.26 4.03
CA HIS A 503 -14.81 3.04 2.97
C HIS A 503 -15.37 3.28 1.59
N VAL A 504 -14.46 3.56 0.66
CA VAL A 504 -14.78 3.80 -0.74
C VAL A 504 -13.58 3.48 -1.61
N GLY A 505 -13.82 2.71 -2.67
CA GLY A 505 -12.75 2.34 -3.58
C GLY A 505 -13.31 1.75 -4.87
N PRO A 506 -12.62 1.97 -5.99
CA PRO A 506 -11.38 2.72 -6.06
C PRO A 506 -11.57 4.18 -5.63
N MET A 507 -10.47 4.90 -5.45
CA MET A 507 -10.51 6.29 -5.06
C MET A 507 -10.33 7.24 -6.23
N MET A 508 -10.14 6.68 -7.41
CA MET A 508 -9.93 7.46 -8.61
C MET A 508 -10.35 6.68 -9.86
N ALA A 509 -11.13 7.32 -10.72
CA ALA A 509 -11.58 6.67 -11.95
C ALA A 509 -12.47 7.55 -12.80
N LYS A 510 -12.77 7.09 -14.00
CA LYS A 510 -13.61 7.83 -14.93
C LYS A 510 -15.05 7.33 -14.96
N PRO A 511 -15.94 8.17 -15.47
CA PRO A 511 -17.35 7.85 -15.57
C PRO A 511 -17.59 6.50 -16.22
N GLY A 512 -18.54 5.76 -15.67
CA GLY A 512 -18.91 4.44 -16.17
C GLY A 512 -18.39 3.34 -15.26
N VAL A 513 -17.28 3.63 -14.60
CA VAL A 513 -16.66 2.70 -13.69
C VAL A 513 -17.54 2.47 -12.47
N THR A 514 -17.49 1.27 -11.92
CA THR A 514 -18.25 0.95 -10.74
C THR A 514 -17.36 1.10 -9.52
N ILE A 515 -17.87 1.78 -8.51
CA ILE A 515 -17.12 2.01 -7.28
C ILE A 515 -17.81 1.29 -6.13
N THR A 516 -17.05 0.98 -5.08
CA THR A 516 -17.61 0.30 -3.94
C THR A 516 -17.61 1.14 -2.69
N ILE A 517 -18.79 1.27 -2.09
CA ILE A 517 -18.98 2.03 -0.88
C ILE A 517 -19.38 1.12 0.26
N ASP A 518 -18.50 1.02 1.26
CA ASP A 518 -18.74 0.15 2.40
C ASP A 518 -19.00 0.93 3.68
N GLY A 519 -19.79 0.33 4.57
CA GLY A 519 -20.12 0.95 5.83
C GLY A 519 -21.22 0.21 6.59
N ARG A 520 -22.05 0.96 7.31
CA ARG A 520 -23.13 0.40 8.09
C ARG A 520 -24.37 1.28 8.09
N GLY A 521 -25.54 0.65 8.10
CA GLY A 521 -26.79 1.35 8.13
C GLY A 521 -27.23 1.86 6.78
N PHE A 522 -27.07 1.04 5.77
CA PHE A 522 -27.46 1.43 4.44
C PHE A 522 -28.89 1.04 4.15
N GLY A 523 -29.38 0.07 4.87
CA GLY A 523 -30.73 -0.39 4.65
C GLY A 523 -30.73 -1.43 3.54
N SER A 524 -31.86 -2.08 3.36
CA SER A 524 -31.96 -3.12 2.35
C SER A 524 -32.47 -2.63 1.01
N SER A 525 -33.17 -1.50 1.01
CA SER A 525 -33.71 -0.94 -0.21
C SER A 525 -32.82 0.10 -0.83
N LYS A 526 -32.83 0.14 -2.15
CA LYS A 526 -32.02 1.10 -2.88
C LYS A 526 -32.29 2.52 -2.40
N GLY A 527 -31.22 3.30 -2.27
CA GLY A 527 -31.32 4.68 -1.83
C GLY A 527 -30.80 5.61 -2.92
N THR A 528 -29.96 6.54 -2.51
CA THR A 528 -29.37 7.51 -3.42
C THR A 528 -27.91 7.78 -3.11
N VAL A 529 -27.12 7.93 -4.17
CA VAL A 529 -25.71 8.23 -4.03
C VAL A 529 -25.42 9.60 -4.61
N TYR A 530 -24.78 10.44 -3.82
CA TYR A 530 -24.46 11.78 -4.25
C TYR A 530 -23.00 11.97 -4.61
N PHE A 531 -22.76 12.40 -5.84
CA PHE A 531 -21.44 12.72 -6.30
C PHE A 531 -21.41 14.22 -6.38
N GLY A 532 -21.14 14.84 -5.23
CA GLY A 532 -21.19 16.27 -5.13
C GLY A 532 -22.66 16.64 -4.97
N THR A 533 -23.20 17.36 -5.95
CA THR A 533 -24.61 17.70 -5.89
C THR A 533 -25.39 16.81 -6.83
N THR A 534 -24.65 16.11 -7.67
CA THR A 534 -25.25 15.22 -8.62
C THR A 534 -25.80 14.00 -7.91
N ALA A 535 -27.08 13.73 -8.14
CA ALA A 535 -27.73 12.60 -7.52
C ALA A 535 -27.77 11.39 -8.43
N VAL A 536 -27.63 10.22 -7.82
CA VAL A 536 -27.65 8.96 -8.55
C VAL A 536 -28.60 7.97 -7.90
N SER A 537 -29.49 7.40 -8.71
CA SER A 537 -30.46 6.45 -8.23
C SER A 537 -30.94 5.50 -9.31
N GLY A 538 -31.51 4.38 -8.90
CA GLY A 538 -32.04 3.42 -9.85
C GLY A 538 -31.01 2.41 -10.36
N ALA A 539 -31.14 2.12 -11.66
CA ALA A 539 -30.32 1.15 -12.37
C ALA A 539 -28.82 1.31 -12.21
N ASP A 540 -28.37 2.56 -12.16
CA ASP A 540 -26.94 2.88 -12.03
C ASP A 540 -26.35 2.32 -10.76
N ILE A 541 -27.24 1.98 -9.86
CA ILE A 541 -26.87 1.37 -8.62
C ILE A 541 -26.97 -0.13 -8.81
N THR A 542 -25.87 -0.71 -9.22
CA THR A 542 -25.82 -2.12 -9.50
C THR A 542 -26.26 -2.98 -8.33
N SER A 543 -25.91 -2.56 -7.12
CA SER A 543 -26.28 -3.32 -5.93
C SER A 543 -26.25 -2.50 -4.66
N TRP A 544 -27.23 -2.77 -3.78
CA TRP A 544 -27.36 -2.07 -2.52
C TRP A 544 -27.71 -3.02 -1.37
N GLU A 545 -27.02 -2.79 -0.26
CA GLU A 545 -27.23 -3.52 0.97
C GLU A 545 -26.71 -2.74 2.16
N ASP A 546 -26.99 -3.26 3.36
CA ASP A 546 -26.61 -2.59 4.59
C ASP A 546 -25.14 -2.21 4.76
N THR A 547 -24.22 -3.05 4.30
CA THR A 547 -22.81 -2.75 4.46
C THR A 547 -22.09 -2.39 3.17
N GLN A 548 -22.77 -2.54 2.03
CA GLN A 548 -22.13 -2.26 0.78
C GLN A 548 -23.04 -1.76 -0.32
N ILE A 549 -22.48 -0.90 -1.16
CA ILE A 549 -23.16 -0.31 -2.29
C ILE A 549 -22.26 -0.27 -3.50
N LYS A 550 -22.82 -0.69 -4.63
CA LYS A 550 -22.10 -0.66 -5.88
C LYS A 550 -22.82 0.27 -6.83
N VAL A 551 -22.15 1.34 -7.21
CA VAL A 551 -22.74 2.33 -8.07
C VAL A 551 -21.80 2.82 -9.16
N LYS A 552 -22.38 3.05 -10.34
CA LYS A 552 -21.62 3.54 -11.47
C LYS A 552 -21.35 5.03 -11.35
N ILE A 553 -20.12 5.41 -11.63
CA ILE A 553 -19.73 6.80 -11.59
C ILE A 553 -20.42 7.59 -12.68
N PRO A 554 -21.22 8.59 -12.28
CA PRO A 554 -21.96 9.43 -13.21
C PRO A 554 -21.05 10.14 -14.19
N ALA A 555 -21.65 10.64 -15.26
CA ALA A 555 -20.92 11.33 -16.30
C ALA A 555 -20.70 12.81 -15.99
N VAL A 556 -20.21 13.09 -14.79
CA VAL A 556 -19.94 14.46 -14.39
C VAL A 556 -18.61 14.94 -14.94
N ALA A 557 -18.30 16.20 -14.66
CA ALA A 557 -17.06 16.78 -15.12
C ALA A 557 -15.89 16.28 -14.28
N GLY A 558 -14.72 16.18 -14.90
CA GLY A 558 -13.56 15.73 -14.19
C GLY A 558 -13.28 16.65 -13.02
N GLY A 559 -12.96 16.07 -11.87
CA GLY A 559 -12.68 16.87 -10.70
C GLY A 559 -12.77 16.07 -9.42
N ASN A 560 -12.66 16.79 -8.30
CA ASN A 560 -12.73 16.20 -6.98
C ASN A 560 -14.12 16.34 -6.40
N TYR A 561 -14.74 15.22 -6.10
CA TYR A 561 -16.09 15.22 -5.58
C TYR A 561 -16.20 14.64 -4.18
N ASN A 562 -17.28 15.05 -3.52
CA ASN A 562 -17.63 14.59 -2.19
C ASN A 562 -18.72 13.55 -2.30
N ILE A 563 -18.50 12.40 -1.68
CA ILE A 563 -19.46 11.32 -1.74
C ILE A 563 -20.31 11.18 -0.50
N LYS A 564 -21.61 11.23 -0.72
CA LYS A 564 -22.59 11.10 0.33
C LYS A 564 -23.67 10.15 -0.14
N VAL A 565 -24.38 9.55 0.81
CA VAL A 565 -25.45 8.66 0.48
C VAL A 565 -26.62 8.85 1.40
N ALA A 566 -27.80 8.52 0.90
CA ALA A 566 -29.00 8.61 1.67
C ALA A 566 -29.83 7.36 1.46
N ASN A 567 -30.35 6.83 2.55
CA ASN A 567 -31.15 5.63 2.45
C ASN A 567 -32.52 5.91 1.85
N ALA A 568 -33.33 4.86 1.77
CA ALA A 568 -34.66 4.97 1.22
C ALA A 568 -35.50 6.03 1.94
N ALA A 569 -35.45 6.00 3.26
CA ALA A 569 -36.22 6.96 4.05
C ALA A 569 -35.82 8.39 3.73
N GLY A 570 -34.60 8.57 3.24
CA GLY A 570 -34.12 9.89 2.89
C GLY A 570 -33.03 10.40 3.81
N THR A 571 -32.65 9.60 4.80
CA THR A 571 -31.62 9.98 5.73
C THR A 571 -30.24 9.97 5.09
N ALA A 572 -29.52 11.07 5.23
CA ALA A 572 -28.19 11.17 4.64
C ALA A 572 -27.09 10.74 5.60
N SER A 573 -26.00 10.26 5.01
CA SER A 573 -24.85 9.79 5.75
C SER A 573 -23.77 10.85 5.87
N ASN A 574 -22.64 10.43 6.42
CA ASN A 574 -21.50 11.30 6.57
C ASN A 574 -20.95 11.58 5.19
N VAL A 575 -20.01 12.50 5.09
CA VAL A 575 -19.45 12.85 3.81
C VAL A 575 -18.05 12.34 3.58
N TYR A 576 -17.92 11.39 2.66
CA TYR A 576 -16.62 10.85 2.29
C TYR A 576 -16.00 11.79 1.27
N ASP A 577 -14.82 12.32 1.53
CA ASP A 577 -14.22 13.25 0.60
C ASP A 577 -12.91 12.79 0.02
N ASN A 578 -12.52 13.45 -1.08
CA ASN A 578 -11.29 13.19 -1.80
C ASN A 578 -11.42 12.15 -2.90
N PHE A 579 -12.59 12.07 -3.50
CA PHE A 579 -12.79 11.13 -4.60
C PHE A 579 -12.55 11.87 -5.91
N GLU A 580 -11.69 11.33 -6.76
CA GLU A 580 -11.38 11.97 -8.00
C GLU A 580 -12.07 11.36 -9.20
N VAL A 581 -12.79 12.20 -9.95
CA VAL A 581 -13.46 11.81 -11.16
C VAL A 581 -12.58 12.20 -12.34
N LEU A 582 -11.99 11.21 -12.99
CA LEU A 582 -11.10 11.49 -14.11
C LEU A 582 -11.83 12.03 -15.31
N SER A 583 -11.11 12.80 -16.11
CA SER A 583 -11.65 13.38 -17.32
C SER A 583 -11.85 12.34 -18.40
N GLY A 584 -11.24 11.17 -18.20
CA GLY A 584 -11.32 10.06 -19.14
C GLY A 584 -10.09 9.17 -19.03
N ASP A 585 -9.88 8.31 -20.03
CA ASP A 585 -8.72 7.44 -20.02
C ASP A 585 -7.47 8.29 -19.91
N GLN A 586 -6.45 7.76 -19.23
CA GLN A 586 -5.24 8.51 -19.01
C GLN A 586 -4.05 8.10 -19.84
N VAL A 587 -3.15 9.07 -20.04
CA VAL A 587 -1.91 8.91 -20.78
C VAL A 587 -0.83 9.74 -20.12
N SER A 588 0.37 9.18 -20.04
CA SER A 588 1.48 9.88 -19.43
C SER A 588 2.24 10.77 -20.43
N VAL A 589 2.26 12.07 -20.12
CA VAL A 589 2.92 13.04 -20.97
C VAL A 589 3.99 13.79 -20.20
N ARG A 590 5.09 14.09 -20.87
CA ARG A 590 6.18 14.81 -20.25
C ARG A 590 6.16 16.27 -20.65
N PHE A 591 6.06 17.15 -19.67
CA PHE A 591 6.05 18.57 -19.92
C PHE A 591 7.42 19.17 -19.69
N VAL A 592 7.84 19.99 -20.63
CA VAL A 592 9.13 20.65 -20.55
C VAL A 592 9.01 22.12 -20.86
N VAL A 593 9.64 22.93 -20.03
CA VAL A 593 9.66 24.36 -20.21
C VAL A 593 11.07 24.90 -20.19
N ASN A 594 11.44 25.61 -21.25
CA ASN A 594 12.77 26.16 -21.36
C ASN A 594 12.84 27.61 -20.94
N ASN A 595 14.01 28.01 -20.49
CA ASN A 595 14.27 29.38 -20.08
C ASN A 595 13.27 29.89 -19.05
N ALA A 596 13.24 29.22 -17.91
CA ALA A 596 12.38 29.57 -16.80
C ALA A 596 13.24 29.83 -15.57
N THR A 597 13.74 31.05 -15.49
CA THR A 597 14.60 31.46 -14.40
C THR A 597 13.82 31.77 -13.13
N THR A 598 14.36 31.31 -12.02
CA THR A 598 13.72 31.53 -10.74
C THR A 598 14.69 32.01 -9.69
N ALA A 599 14.15 32.36 -8.53
CA ALA A 599 14.93 32.79 -7.40
C ALA A 599 14.98 31.66 -6.41
N LEU A 600 16.04 31.61 -5.61
CA LEU A 600 16.18 30.56 -4.63
C LEU A 600 14.95 30.42 -3.76
N GLY A 601 14.33 29.24 -3.82
CA GLY A 601 13.12 28.98 -3.05
C GLY A 601 11.86 29.13 -3.88
N GLN A 602 12.04 29.54 -5.14
CA GLN A 602 10.94 29.73 -6.07
C GLN A 602 10.90 28.59 -7.09
N ASN A 603 9.74 27.97 -7.23
CA ASN A 603 9.60 26.86 -8.15
C ASN A 603 8.60 27.08 -9.27
N VAL A 604 8.76 26.26 -10.31
CA VAL A 604 7.92 26.30 -11.47
C VAL A 604 6.87 25.20 -11.44
N TYR A 605 5.63 25.57 -11.69
CA TYR A 605 4.54 24.63 -11.70
C TYR A 605 3.81 24.68 -13.04
N LEU A 606 2.93 23.72 -13.23
CA LEU A 606 2.14 23.63 -14.45
C LEU A 606 0.66 23.65 -14.13
N THR A 607 -0.11 24.24 -15.03
CA THR A 607 -1.54 24.33 -14.85
C THR A 607 -2.25 24.34 -16.20
N GLY A 608 -3.52 23.91 -16.23
CA GLY A 608 -4.24 23.87 -17.49
C GLY A 608 -5.77 23.80 -17.40
N SER A 609 -6.37 23.63 -18.59
CA SER A 609 -7.81 23.59 -18.80
C SER A 609 -8.47 22.24 -18.51
N VAL A 610 -7.86 21.44 -17.66
CA VAL A 610 -8.43 20.17 -17.28
C VAL A 610 -8.22 19.93 -15.79
N SER A 611 -9.12 19.12 -15.21
CA SER A 611 -9.03 18.81 -13.80
C SER A 611 -7.71 18.15 -13.45
N GLU A 612 -7.19 17.36 -14.39
CA GLU A 612 -5.92 16.70 -14.17
C GLU A 612 -4.79 17.69 -14.06
N LEU A 613 -5.07 18.94 -14.47
CA LEU A 613 -4.08 19.99 -14.42
C LEU A 613 -4.42 21.10 -13.42
N GLY A 614 -5.47 20.89 -12.63
CA GLY A 614 -5.86 21.86 -11.61
C GLY A 614 -6.96 22.80 -12.02
N ASN A 615 -7.28 22.83 -13.30
CA ASN A 615 -8.33 23.70 -13.81
C ASN A 615 -8.05 25.18 -13.62
N TRP A 616 -6.80 25.58 -13.89
CA TRP A 616 -6.37 26.97 -13.79
C TRP A 616 -6.15 27.47 -12.38
N ASP A 617 -6.29 26.59 -11.40
CA ASP A 617 -6.10 26.98 -10.01
C ASP A 617 -4.64 26.86 -9.60
N PRO A 618 -4.02 27.99 -9.27
CA PRO A 618 -2.62 28.00 -8.86
C PRO A 618 -2.40 27.12 -7.63
N ALA A 619 -3.43 26.94 -6.85
CA ALA A 619 -3.34 26.12 -5.66
C ALA A 619 -3.35 24.64 -5.98
N LYS A 620 -3.81 24.29 -7.18
CA LYS A 620 -3.90 22.90 -7.60
C LYS A 620 -2.94 22.57 -8.74
N ALA A 621 -1.99 23.45 -8.97
CA ALA A 621 -1.02 23.26 -10.03
C ALA A 621 -0.08 22.09 -9.78
N ILE A 622 0.30 21.42 -10.86
CA ILE A 622 1.21 20.29 -10.81
C ILE A 622 2.62 20.80 -10.56
N GLY A 623 3.35 20.10 -9.69
CA GLY A 623 4.71 20.50 -9.37
C GLY A 623 5.04 20.27 -7.90
N PRO A 624 6.17 20.78 -7.46
CA PRO A 624 7.09 21.54 -8.31
C PRO A 624 7.77 20.68 -9.36
N MET A 625 8.17 21.33 -10.44
CA MET A 625 8.85 20.69 -11.54
C MET A 625 10.30 20.39 -11.23
N TYR A 626 10.87 19.43 -11.99
CA TYR A 626 12.25 19.00 -11.83
C TYR A 626 13.18 19.78 -12.76
N ASN A 627 14.47 19.81 -12.41
CA ASN A 627 15.44 20.55 -13.20
C ASN A 627 16.88 20.10 -12.99
N GLN A 628 17.16 18.80 -12.95
CA GLN A 628 18.54 18.49 -12.67
C GLN A 628 19.08 17.19 -13.22
N VAL A 629 18.22 16.38 -13.82
CA VAL A 629 18.67 15.11 -14.34
C VAL A 629 18.38 14.92 -15.81
N VAL A 630 17.11 14.97 -16.17
CA VAL A 630 16.73 14.80 -17.55
C VAL A 630 16.84 16.10 -18.34
N TYR A 631 16.75 17.21 -17.59
CA TYR A 631 16.87 18.56 -18.09
C TYR A 631 17.39 19.40 -16.95
N GLN A 632 18.29 20.32 -17.26
CA GLN A 632 18.83 21.15 -16.21
C GLN A 632 18.34 22.58 -16.28
N TYR A 633 18.20 23.20 -15.10
CA TYR A 633 17.76 24.58 -14.96
C TYR A 633 18.57 25.45 -15.91
N PRO A 634 17.96 26.50 -16.47
CA PRO A 634 16.60 26.93 -16.21
C PRO A 634 15.58 26.15 -17.03
N ASN A 635 15.87 24.89 -17.29
CA ASN A 635 14.97 24.05 -18.03
C ASN A 635 14.30 23.07 -17.10
N TRP A 636 12.98 23.17 -16.98
CA TRP A 636 12.25 22.29 -16.09
C TRP A 636 11.45 21.24 -16.84
N TYR A 637 11.15 20.15 -16.15
CA TYR A 637 10.36 19.07 -16.73
C TYR A 637 9.52 18.35 -15.68
N TYR A 638 8.57 17.57 -16.17
CA TYR A 638 7.68 16.82 -15.30
C TYR A 638 6.80 15.86 -16.05
N ASP A 639 6.56 14.70 -15.44
CA ASP A 639 5.72 13.66 -16.02
C ASP A 639 4.32 13.73 -15.46
N VAL A 640 3.38 14.11 -16.34
CA VAL A 640 2.00 14.30 -15.96
C VAL A 640 1.00 13.36 -16.63
N SER A 641 0.01 12.94 -15.84
CA SER A 641 -1.05 12.08 -16.30
C SER A 641 -2.21 12.92 -16.80
N VAL A 642 -2.45 12.86 -18.10
CA VAL A 642 -3.51 13.63 -18.71
C VAL A 642 -4.46 12.76 -19.51
N PRO A 643 -5.65 13.28 -19.77
CA PRO A 643 -6.65 12.58 -20.53
C PRO A 643 -6.23 12.44 -21.99
N ALA A 644 -6.27 11.22 -22.49
CA ALA A 644 -5.88 10.93 -23.86
C ALA A 644 -6.77 11.56 -24.91
N GLY A 645 -6.16 11.94 -26.03
CA GLY A 645 -6.88 12.52 -27.15
C GLY A 645 -7.53 13.87 -26.89
N LYS A 646 -7.34 14.40 -25.68
CA LYS A 646 -7.92 15.68 -25.34
C LYS A 646 -7.04 16.85 -25.72
N THR A 647 -7.70 17.96 -26.05
CA THR A 647 -7.02 19.19 -26.40
C THR A 647 -6.87 20.04 -25.15
N ILE A 648 -5.63 20.26 -24.74
CA ILE A 648 -5.38 20.99 -23.53
C ILE A 648 -4.64 22.29 -23.70
N GLU A 649 -5.11 23.28 -22.95
CA GLU A 649 -4.52 24.58 -22.88
C GLU A 649 -3.77 24.65 -21.56
N PHE A 650 -2.53 25.09 -21.59
CA PHE A 650 -1.78 25.13 -20.35
C PHE A 650 -0.90 26.35 -20.23
N LYS A 651 -0.27 26.44 -19.06
CA LYS A 651 0.63 27.51 -18.72
C LYS A 651 1.42 27.13 -17.49
N PHE A 652 2.54 27.81 -17.30
CA PHE A 652 3.39 27.57 -16.17
C PHE A 652 3.38 28.77 -15.26
N LEU A 653 3.79 28.53 -14.03
CA LEU A 653 3.85 29.60 -13.06
C LEU A 653 4.95 29.38 -12.06
N LYS A 654 5.43 30.49 -11.53
CA LYS A 654 6.46 30.45 -10.53
C LYS A 654 5.79 30.72 -9.20
N LYS A 655 5.93 29.77 -8.28
CA LYS A 655 5.32 29.91 -6.98
C LYS A 655 6.31 30.04 -5.84
N GLN A 656 6.13 31.10 -5.08
CA GLN A 656 6.92 31.37 -3.90
C GLN A 656 5.95 31.47 -2.75
N GLY A 657 5.77 30.36 -2.05
CA GLY A 657 4.81 30.30 -0.99
C GLY A 657 3.44 30.20 -1.62
N SER A 658 2.62 31.24 -1.43
CA SER A 658 1.30 31.27 -2.03
C SER A 658 1.27 32.31 -3.14
N THR A 659 2.39 33.03 -3.27
CA THR A 659 2.56 34.05 -4.28
C THR A 659 2.72 33.42 -5.66
N VAL A 660 1.83 33.79 -6.57
CA VAL A 660 1.83 33.25 -7.91
C VAL A 660 2.20 34.23 -9.00
N THR A 661 3.05 33.77 -9.92
CA THR A 661 3.48 34.55 -11.07
C THR A 661 3.19 33.76 -12.34
N TRP A 662 2.27 34.30 -13.14
CA TRP A 662 1.82 33.68 -14.37
C TRP A 662 2.71 33.93 -15.55
N GLU A 663 2.72 32.95 -16.43
CA GLU A 663 3.43 33.03 -17.67
C GLU A 663 2.73 34.10 -18.49
N GLY A 664 3.45 34.75 -19.39
CA GLY A 664 2.86 35.78 -20.21
C GLY A 664 2.37 35.24 -21.54
N GLY A 665 1.78 36.13 -22.32
CA GLY A 665 1.28 35.77 -23.64
C GLY A 665 0.10 34.84 -23.58
N SER A 666 -0.19 34.22 -24.71
CA SER A 666 -1.29 33.30 -24.83
C SER A 666 -1.01 31.94 -24.21
N ASN A 667 -2.07 31.14 -24.16
CA ASN A 667 -2.01 29.81 -23.61
C ASN A 667 -1.38 28.82 -24.58
N HIS A 668 -0.60 27.90 -24.05
CA HIS A 668 -0.01 26.89 -24.89
C HIS A 668 -1.09 25.86 -25.20
N THR A 669 -0.92 25.13 -26.29
CA THR A 669 -1.89 24.12 -26.68
C THR A 669 -1.22 22.85 -27.15
N PHE A 670 -2.01 21.77 -27.11
CA PHE A 670 -1.58 20.47 -27.55
C PHE A 670 -2.69 19.45 -27.38
N THR A 671 -2.63 18.43 -28.22
CA THR A 671 -3.59 17.35 -28.18
C THR A 671 -2.90 16.10 -27.67
N ALA A 672 -3.39 15.59 -26.53
CA ALA A 672 -2.83 14.40 -25.91
C ALA A 672 -2.95 13.15 -26.76
N PRO A 673 -1.97 12.27 -26.63
CA PRO A 673 -1.95 11.03 -27.37
C PRO A 673 -3.08 10.11 -26.92
N SER A 674 -3.73 9.49 -27.89
CA SER A 674 -4.82 8.58 -27.57
C SER A 674 -4.31 7.24 -27.07
N SER A 675 -3.01 7.18 -26.76
CA SER A 675 -2.37 5.96 -26.29
C SER A 675 -0.88 6.18 -26.13
N GLY A 676 -0.24 5.52 -25.18
CA GLY A 676 1.19 5.71 -25.03
C GLY A 676 1.57 7.11 -24.55
N THR A 677 2.82 7.48 -24.75
CA THR A 677 3.33 8.76 -24.27
C THR A 677 3.67 9.81 -25.31
N ALA A 678 4.09 10.97 -24.78
CA ALA A 678 4.50 12.12 -25.58
C ALA A 678 5.24 13.16 -24.75
N THR A 679 5.99 14.03 -25.44
CA THR A 679 6.74 15.08 -24.78
C THR A 679 6.41 16.44 -25.34
N ILE A 680 6.16 17.38 -24.44
CA ILE A 680 5.83 18.73 -24.82
C ILE A 680 6.93 19.69 -24.43
N ASN A 681 7.60 20.22 -25.44
CA ASN A 681 8.66 21.18 -25.25
C ASN A 681 8.21 22.57 -25.62
N VAL A 682 8.40 23.49 -24.70
CA VAL A 682 7.95 24.84 -24.86
C VAL A 682 8.86 25.83 -24.11
N ASN A 683 8.82 27.08 -24.51
CA ASN A 683 9.60 28.11 -23.87
C ASN A 683 8.73 28.97 -22.98
N TRP A 684 9.31 29.49 -21.92
CA TRP A 684 8.57 30.32 -21.00
C TRP A 684 8.23 31.64 -21.65
N GLN A 685 6.95 32.04 -21.56
CA GLN A 685 6.50 33.30 -22.12
C GLN A 685 6.53 34.38 -21.07
N PRO A 686 7.14 35.51 -21.40
CA PRO A 686 7.24 36.60 -20.46
C PRO A 686 6.11 37.59 -20.63
C1 GLC B . -3.10 10.66 34.51
C2 GLC B . -2.93 10.13 33.12
C3 GLC B . -3.78 10.94 32.18
C4 GLC B . -5.23 10.79 32.61
C5 GLC B . -5.39 11.24 34.06
C6 GLC B . -6.77 10.91 34.60
O1 GLC B . -2.65 11.96 34.56
O2 GLC B . -1.56 10.26 32.73
O3 GLC B . -3.55 10.47 30.86
O4 GLC B . -6.01 11.67 31.77
O5 GLC B . -4.47 10.52 34.90
O6 GLC B . -7.47 12.14 34.79
C1 GLC B . -6.91 11.09 30.85
C2 GLC B . -6.74 11.73 29.50
C3 GLC B . -7.27 13.14 29.45
C4 GLC B . -8.66 13.26 30.05
C5 GLC B . -8.76 12.55 31.38
C6 GLC B . -10.17 12.44 31.85
O2 GLC B . -5.36 11.72 29.15
O3 GLC B . -7.36 13.61 28.09
O4 GLC B . -8.96 14.62 30.32
O5 GLC B . -8.26 11.20 31.30
O6 GLC B . -10.26 11.92 33.19
C1 GLC C . 17.66 4.41 2.96
C2 GLC C . 16.76 5.10 1.95
C3 GLC C . 15.72 4.20 1.34
C4 GLC C . 16.36 2.91 0.87
C5 GLC C . 17.03 2.22 2.05
C6 GLC C . 17.76 0.98 1.62
O1 GLC C . 17.18 4.58 4.27
O2 GLC C . 16.18 6.28 2.50
O3 GLC C . 15.13 4.82 0.18
O4 GLC C . 15.32 2.04 0.37
O5 GLC C . 18.00 3.06 2.67
O6 GLC C . 17.95 0.12 2.74
C1 G6D C . 15.52 1.37 -0.86
O2 G6D C . 13.80 2.87 -1.55
C2 G6D C . 14.35 1.58 -1.79
C3 G6D C . 13.28 0.52 -1.68
O3 G6D C . 12.41 0.56 -2.80
C4 G6D C . 13.92 -0.86 -1.66
C5 G6D C . 14.89 -0.95 -0.51
O5 G6D C . 15.93 0.02 -0.68
C6 G6D C . 15.56 -2.30 -0.46
C1 GLC D . 19.35 28.81 -9.48
C2 GLC D . 17.98 29.44 -9.39
C3 GLC D . 17.13 28.71 -8.37
C4 GLC D . 17.10 27.22 -8.69
C5 GLC D . 18.49 26.65 -8.78
C6 GLC D . 18.46 25.24 -9.28
O1 GLC D . 20.02 29.07 -8.27
O2 GLC D . 18.11 30.80 -9.02
O3 GLC D . 15.78 29.17 -8.37
O4 GLC D . 16.41 26.58 -7.60
O5 GLC D . 19.27 27.41 -9.72
O6 GLC D . 19.54 24.48 -8.73
C1 GLC D . 15.11 26.10 -7.83
C2 GLC D . 14.27 26.43 -6.62
C3 GLC D . 14.67 25.59 -5.43
C4 GLC D . 14.78 24.10 -5.75
C5 GLC D . 15.58 23.88 -7.02
C6 GLC D . 15.53 22.46 -7.48
O2 GLC D . 14.42 27.80 -6.31
O3 GLC D . 13.75 25.73 -4.36
O4 GLC D . 15.50 23.42 -4.73
O5 GLC D . 15.11 24.70 -8.10
O6 GLC D . 16.80 22.02 -7.95
C1 GLC E . -3.77 41.41 -15.92
C2 GLC E . -2.53 40.82 -16.54
C3 GLC E . -2.72 39.40 -16.99
C4 GLC E . -3.50 38.60 -15.98
C5 GLC E . -4.73 39.27 -15.40
C6 GLC E . -5.25 38.51 -14.21
O1 GLC E . -4.69 41.69 -16.95
O2 GLC E . -2.18 41.62 -17.68
O3 GLC E . -1.46 38.74 -17.17
O4 GLC E . -3.95 37.43 -16.66
O5 GLC E . -4.37 40.57 -14.94
O6 GLC E . -6.64 38.78 -14.02
C1 GLC E . -3.36 36.35 -16.02
C2 GLC E . -2.72 35.39 -16.98
C3 GLC E . -3.62 34.23 -17.33
C4 GLC E . -4.48 33.69 -16.19
C5 GLC E . -5.08 34.80 -15.34
C6 GLC E . -5.59 34.31 -14.01
O2 GLC E . -2.31 36.08 -18.15
O3 GLC E . -2.80 33.16 -17.78
O4 GLC E . -5.57 33.01 -16.83
O5 GLC E . -4.15 35.81 -14.97
O6 GLC E . -6.10 35.41 -13.27
C1 GLC E . -5.64 31.60 -17.01
C2 GLC E . -5.75 31.31 -18.50
C3 GLC E . -7.13 31.60 -19.07
C4 GLC E . -8.22 31.03 -18.20
C5 GLC E . -8.03 31.53 -16.79
C6 GLC E . -9.08 31.02 -15.85
O2 GLC E . -4.79 32.07 -19.21
O3 GLC E . -7.27 31.06 -20.38
O4 GLC E . -9.48 31.48 -18.72
O5 GLC E . -6.75 31.09 -16.30
O6 GLC E . -8.85 31.53 -14.54
C1 GLC E . -10.50 30.53 -18.92
C2 GLC E . -10.97 30.61 -20.36
C3 GLC E . -11.73 31.89 -20.63
C4 GLC E . -12.76 32.22 -19.56
C5 GLC E . -12.22 32.01 -18.15
C6 GLC E . -13.32 32.07 -17.14
O2 GLC E . -9.84 30.54 -21.21
O3 GLC E . -12.44 31.82 -21.88
O4 GLC E . -13.14 33.59 -19.61
O5 GLC E . -11.58 30.74 -18.02
O6 GLC E . -13.29 33.32 -16.44
C1 ACI F . 12.24 -2.49 -2.61
C2 ACI F . 11.86 -3.90 -2.24
C3 ACI F . 13.11 -4.71 -2.09
C4 ACI F . 13.85 -4.80 -3.41
C5 ACI F . 13.92 -3.56 -4.08
C6 ACI F . 13.80 -3.70 -5.58
C7 ACI F . 13.14 -2.45 -3.71
N1 ACI F . 12.84 -1.84 -1.44
O2 ACI F . 11.12 -3.91 -1.04
O3 ACI F . 12.82 -6.04 -1.64
O6 ACI F . 12.72 -4.56 -5.96
C1 GLC G . 15.57 -6.44 -4.16
C2 GLC G . 16.02 -7.64 -3.35
C3 GLC G . 17.36 -7.39 -2.70
C4 GLC G . 18.39 -6.92 -3.70
C5 GLC G . 17.85 -5.73 -4.47
C6 GLC G . 18.78 -5.30 -5.56
O1 GLC G . 15.15 -5.41 -3.28
O2 GLC G . 15.04 -7.96 -2.37
O3 GLC G . 17.86 -8.55 -2.04
O4 GLC G . 19.58 -6.47 -3.06
O5 GLC G . 16.59 -6.04 -5.07
O6 GLC G . 19.07 -6.39 -6.45
CA CA H . 9.62 -26.34 -5.34
CA CA I . 13.35 4.90 -11.87
#